data_7H8U
#
_entry.id   7H8U
#
_cell.length_a   87.233
_cell.length_b   87.233
_cell.length_c   85.731
_cell.angle_alpha   90.00
_cell.angle_beta   90.00
_cell.angle_gamma   120.00
#
_symmetry.space_group_name_H-M   'P 31'
#
loop_
_entity.id
_entity.type
_entity.pdbx_description
1 polymer 'Non-structural protein 3'
2 non-polymer 'DIMETHYL SULFOXIDE'
3 non-polymer 2-AMINO-2-HYDROXYMETHYL-PROPANE-1,3-DIOL
4 non-polymer 'CHLORIDE ION'
5 non-polymer 1,3-benzodioxol-5-ol
6 water water
#
_entity_poly.entity_id   1
_entity_poly.type   'polypeptide(L)'
_entity_poly.pdbx_seq_one_letter_code
;GAMAPSYRVKRMDIAKNDEECVVNAANPRGLPGDGVCKAVYKKWPESFKNSATPVGTAKTVMCGTYPVIHAVGPNFSNYT
ESEGDRELAAAYREVAKEVTRLGVNSVAIPLLSTGVYSGGKDRLTQSLNHLFTAMDSTDADVVIYCRDKEWEKKISEAIQ
MRT
;
_entity_poly.pdbx_strand_id   A,B,C,D
#
loop_
_chem_comp.id
_chem_comp.type
_chem_comp.name
_chem_comp.formula
BZX non-polymer 1,3-benzodioxol-5-ol 'C7 H6 O3'
CL non-polymer 'CHLORIDE ION' 'Cl -1'
DMS non-polymer 'DIMETHYL SULFOXIDE' 'C2 H6 O S'
TRS non-polymer 2-AMINO-2-HYDROXYMETHYL-PROPANE-1,3-DIOL 'C4 H12 N O3 1'
#
# COMPACT_ATOMS: atom_id res chain seq x y z
N GLY A 1 -13.79 -19.75 3.68
CA GLY A 1 -15.05 -19.26 4.38
C GLY A 1 -14.76 -18.81 5.79
N ALA A 2 -15.70 -18.13 6.46
CA ALA A 2 -15.54 -17.80 7.89
C ALA A 2 -15.88 -19.00 8.76
N MET A 3 -15.33 -19.11 9.96
CA MET A 3 -15.55 -20.32 10.82
C MET A 3 -17.03 -20.38 11.25
N ALA A 4 -17.66 -19.25 11.47
CA ALA A 4 -19.08 -19.15 11.86
C ALA A 4 -19.66 -17.92 11.17
N PRO A 5 -19.94 -18.02 9.85
CA PRO A 5 -20.38 -16.86 9.08
C PRO A 5 -21.45 -16.01 9.78
N SER A 6 -21.26 -14.68 9.84
CA SER A 6 -22.09 -13.72 10.62
C SER A 6 -22.48 -12.51 9.79
N TYR A 7 -23.48 -11.77 10.28
CA TYR A 7 -23.81 -10.41 9.82
C TYR A 7 -23.53 -9.45 10.98
N ARG A 8 -22.91 -8.32 10.67
CA ARG A 8 -22.66 -7.23 11.66
C ARG A 8 -22.98 -5.91 10.99
N VAL A 9 -23.20 -4.87 11.78
CA VAL A 9 -23.42 -3.51 11.22
C VAL A 9 -22.53 -2.54 11.99
N LYS A 10 -21.89 -1.63 11.28
CA LYS A 10 -21.09 -0.54 11.89
C LYS A 10 -21.50 0.80 11.29
N ARG A 11 -21.53 1.82 12.14
CA ARG A 11 -21.82 3.22 11.76
C ARG A 11 -20.48 3.92 11.63
N MET A 12 -19.91 3.86 10.42
CA MET A 12 -18.61 4.51 10.15
C MET A 12 -18.37 4.48 8.62
N ASP A 13 -17.36 5.21 8.19
CA ASP A 13 -16.91 5.29 6.80
C ASP A 13 -16.42 3.92 6.32
N ILE A 14 -17.09 3.39 5.29
CA ILE A 14 -16.75 2.08 4.63
C ILE A 14 -15.31 2.11 4.09
N ALA A 15 -14.75 3.29 3.75
CA ALA A 15 -13.34 3.46 3.34
C ALA A 15 -12.36 3.09 4.45
N LYS A 16 -12.82 2.91 5.70
CA LYS A 16 -12.01 2.50 6.87
C LYS A 16 -12.39 1.09 7.33
N ASN A 17 -12.96 0.25 6.46
CA ASN A 17 -13.41 -1.12 6.84
C ASN A 17 -12.22 -1.98 7.26
N ASP A 18 -12.53 -3.07 7.95
CA ASP A 18 -11.60 -4.08 8.45
C ASP A 18 -11.93 -5.43 7.82
N GLU A 19 -12.37 -5.42 6.56
CA GLU A 19 -12.74 -6.67 5.83
C GLU A 19 -11.78 -6.88 4.65
N GLU A 20 -11.86 -8.05 4.03
CA GLU A 20 -10.91 -8.48 2.98
C GLU A 20 -11.29 -7.92 1.61
N CYS A 21 -12.44 -7.28 1.48
CA CYS A 21 -12.87 -6.61 0.24
C CYS A 21 -14.02 -5.66 0.55
N VAL A 22 -14.30 -4.78 -0.40
CA VAL A 22 -15.31 -3.70 -0.21
C VAL A 22 -16.28 -3.76 -1.39
N VAL A 23 -17.54 -3.48 -1.14
CA VAL A 23 -18.54 -3.21 -2.23
C VAL A 23 -18.73 -1.70 -2.32
N ASN A 24 -18.56 -1.16 -3.52
CA ASN A 24 -18.82 0.25 -3.81
C ASN A 24 -20.28 0.36 -4.25
N ALA A 25 -20.98 1.39 -3.75
CA ALA A 25 -22.27 1.82 -4.30
C ALA A 25 -21.99 2.69 -5.54
N ALA A 26 -21.66 2.04 -6.64
CA ALA A 26 -21.09 2.67 -7.85
C ALA A 26 -22.22 3.30 -8.71
N ASN A 27 -21.77 4.18 -9.62
CA ASN A 27 -22.62 4.61 -10.75
C ASN A 27 -22.22 3.79 -11.96
N PRO A 28 -23.09 3.73 -12.99
CA PRO A 28 -22.83 2.85 -14.12
C PRO A 28 -21.61 3.23 -14.97
N ARG A 29 -21.14 4.47 -14.81
CA ARG A 29 -20.09 5.04 -15.69
C ARG A 29 -18.71 5.02 -15.04
N GLY A 30 -18.57 4.45 -13.85
CA GLY A 30 -17.24 4.44 -13.20
C GLY A 30 -16.75 5.82 -12.85
N LEU A 31 -17.64 6.78 -12.55
CA LEU A 31 -17.23 8.16 -12.20
C LEU A 31 -17.03 8.25 -10.70
N PRO A 32 -16.21 9.20 -10.21
CA PRO A 32 -16.02 9.35 -8.77
C PRO A 32 -17.32 9.47 -7.96
N GLY A 33 -18.34 10.11 -8.51
CA GLY A 33 -19.68 10.12 -7.87
C GLY A 33 -19.74 10.90 -6.55
N ASP A 34 -20.69 10.55 -5.69
CA ASP A 34 -20.86 11.20 -4.36
C ASP A 34 -21.08 10.16 -3.27
N GLY A 35 -21.09 10.60 -2.01
CA GLY A 35 -21.42 9.75 -0.86
C GLY A 35 -20.43 8.60 -0.70
N VAL A 36 -20.92 7.37 -0.56
CA VAL A 36 -20.07 6.15 -0.48
C VAL A 36 -19.12 6.10 -1.68
N CYS A 37 -19.58 6.35 -2.91
CA CYS A 37 -18.77 6.19 -4.14
C CYS A 37 -17.58 7.15 -4.10
N LYS A 38 -17.77 8.37 -3.59
CA LYS A 38 -16.66 9.37 -3.51
C LYS A 38 -15.62 8.92 -2.44
N ALA A 39 -16.07 8.36 -1.32
CA ALA A 39 -15.16 7.89 -0.23
C ALA A 39 -14.32 6.76 -0.80
N VAL A 40 -14.96 5.91 -1.63
CA VAL A 40 -14.30 4.72 -2.25
C VAL A 40 -13.29 5.26 -3.27
N TYR A 41 -13.66 6.28 -4.05
CA TYR A 41 -12.75 6.86 -5.05
C TYR A 41 -11.51 7.45 -4.38
N LYS A 42 -11.68 8.13 -3.27
CA LYS A 42 -10.54 8.75 -2.52
C LYS A 42 -9.59 7.68 -1.94
N LYS A 43 -10.13 6.54 -1.55
CA LYS A 43 -9.34 5.49 -0.85
C LYS A 43 -8.69 4.54 -1.85
N TRP A 44 -9.38 4.17 -2.93
CA TRP A 44 -9.00 3.14 -3.92
C TRP A 44 -9.17 3.68 -5.34
N PRO A 45 -8.54 4.82 -5.73
CA PRO A 45 -8.76 5.40 -7.06
C PRO A 45 -8.35 4.49 -8.22
N GLU A 46 -7.35 3.63 -8.01
CA GLU A 46 -6.84 2.67 -9.02
C GLU A 46 -7.96 1.70 -9.41
N SER A 47 -8.95 1.48 -8.51
CA SER A 47 -10.02 0.49 -8.74
C SER A 47 -11.05 1.02 -9.74
N PHE A 48 -10.92 2.26 -10.18
CA PHE A 48 -11.92 2.83 -11.11
C PHE A 48 -11.41 2.78 -12.56
N LYS A 49 -10.29 2.12 -12.80
CA LYS A 49 -9.89 1.72 -14.18
C LYS A 49 -10.86 0.70 -14.80
N ASN A 50 -11.61 1.10 -15.84
CA ASN A 50 -12.54 0.20 -16.55
C ASN A 50 -13.53 -0.41 -15.54
N SER A 51 -14.04 0.40 -14.61
CA SER A 51 -15.07 -0.06 -13.63
C SER A 51 -16.52 0.14 -14.13
N ALA A 52 -16.76 0.87 -15.22
CA ALA A 52 -18.13 1.07 -15.76
C ALA A 52 -18.81 -0.26 -16.05
N THR A 53 -20.09 -0.38 -15.65
CA THR A 53 -20.89 -1.62 -15.71
C THR A 53 -22.36 -1.22 -15.63
N PRO A 54 -23.27 -2.00 -16.22
CA PRO A 54 -24.68 -1.60 -16.25
C PRO A 54 -25.38 -1.71 -14.91
N VAL A 55 -26.55 -1.09 -14.83
CA VAL A 55 -27.40 -1.20 -13.62
C VAL A 55 -27.73 -2.68 -13.40
N GLY A 56 -27.75 -3.10 -12.14
CA GLY A 56 -28.11 -4.49 -11.83
C GLY A 56 -26.92 -5.45 -11.90
N THR A 57 -25.70 -4.96 -12.14
CA THR A 57 -24.48 -5.79 -12.24
C THR A 57 -23.43 -5.35 -11.24
N ALA A 58 -22.39 -6.17 -11.06
CA ALA A 58 -21.21 -5.85 -10.24
C ALA A 58 -19.96 -6.20 -11.03
N LYS A 59 -18.96 -5.34 -10.95
CA LYS A 59 -17.69 -5.55 -11.67
C LYS A 59 -16.57 -5.32 -10.68
N THR A 60 -15.68 -6.31 -10.51
CA THR A 60 -14.56 -6.18 -9.53
C THR A 60 -13.31 -5.66 -10.24
N VAL A 61 -12.65 -4.70 -9.62
CA VAL A 61 -11.33 -4.17 -10.03
C VAL A 61 -10.44 -4.16 -8.79
N MET A 62 -9.23 -4.70 -8.93
N MET A 62 -9.24 -4.69 -8.96
CA MET A 62 -8.24 -4.81 -7.84
CA MET A 62 -8.22 -4.74 -7.88
C MET A 62 -7.53 -3.47 -7.65
C MET A 62 -7.62 -3.36 -7.66
N CYS A 63 -7.35 -3.05 -6.39
CA CYS A 63 -6.49 -1.92 -5.99
C CYS A 63 -5.31 -2.58 -5.25
N GLY A 64 -4.21 -2.80 -5.96
CA GLY A 64 -3.13 -3.66 -5.47
C GLY A 64 -3.65 -5.07 -5.43
N THR A 65 -3.77 -5.71 -4.29
CA THR A 65 -4.46 -7.01 -4.17
C THR A 65 -5.78 -6.91 -3.42
N TYR A 66 -6.27 -5.69 -3.16
CA TYR A 66 -7.52 -5.48 -2.40
C TYR A 66 -8.67 -5.36 -3.39
N PRO A 67 -9.67 -6.27 -3.38
CA PRO A 67 -10.76 -6.20 -4.38
C PRO A 67 -11.82 -5.14 -4.03
N VAL A 68 -12.14 -4.31 -5.04
CA VAL A 68 -13.27 -3.35 -5.00
C VAL A 68 -14.35 -3.87 -5.93
N ILE A 69 -15.50 -4.26 -5.36
CA ILE A 69 -16.61 -4.83 -6.14
C ILE A 69 -17.55 -3.63 -6.41
N HIS A 70 -17.57 -3.12 -7.64
CA HIS A 70 -18.45 -1.99 -8.05
C HIS A 70 -19.84 -2.52 -8.35
N ALA A 71 -20.81 -2.27 -7.46
CA ALA A 71 -22.21 -2.76 -7.57
C ALA A 71 -23.12 -1.57 -7.89
N VAL A 72 -23.84 -1.68 -8.99
CA VAL A 72 -24.68 -0.56 -9.56
C VAL A 72 -26.16 -0.83 -9.26
N GLY A 73 -26.65 -0.23 -8.19
CA GLY A 73 -28.08 -0.16 -7.85
C GLY A 73 -28.80 0.81 -8.78
N PRO A 74 -30.10 0.60 -9.00
CA PRO A 74 -30.92 1.51 -9.78
C PRO A 74 -31.07 2.85 -9.05
N ASN A 75 -31.20 3.92 -9.85
CA ASN A 75 -31.63 5.24 -9.31
C ASN A 75 -33.16 5.27 -9.41
N PHE A 76 -33.84 5.23 -8.30
CA PHE A 76 -35.32 5.17 -8.21
C PHE A 76 -35.93 6.51 -8.69
N SER A 77 -35.14 7.55 -8.89
CA SER A 77 -35.60 8.74 -9.69
C SER A 77 -35.97 8.34 -11.13
N ASN A 78 -35.32 7.36 -11.72
CA ASN A 78 -35.48 7.01 -13.15
C ASN A 78 -36.31 5.77 -13.37
N TYR A 79 -36.21 4.78 -12.47
CA TYR A 79 -36.90 3.46 -12.57
C TYR A 79 -38.26 3.57 -11.89
N THR A 80 -39.23 2.83 -12.41
CA THR A 80 -40.48 2.48 -11.70
C THR A 80 -40.15 1.69 -10.43
N GLU A 81 -41.02 1.73 -9.44
CA GLU A 81 -40.85 0.91 -8.19
C GLU A 81 -40.60 -0.57 -8.55
N SER A 82 -41.36 -1.12 -9.50
CA SER A 82 -41.31 -2.56 -9.87
C SER A 82 -39.97 -2.88 -10.56
N GLU A 83 -39.57 -2.10 -11.57
N GLU A 83 -39.57 -2.06 -11.53
CA GLU A 83 -38.31 -2.38 -12.31
CA GLU A 83 -38.34 -2.32 -12.31
C GLU A 83 -37.11 -2.08 -11.41
C GLU A 83 -37.11 -2.05 -11.43
N GLY A 84 -37.19 -1.04 -10.57
CA GLY A 84 -36.12 -0.68 -9.64
C GLY A 84 -35.92 -1.77 -8.61
N ASP A 85 -37.01 -2.34 -8.14
CA ASP A 85 -36.94 -3.44 -7.16
C ASP A 85 -36.19 -4.63 -7.77
N ARG A 86 -36.51 -4.99 -9.02
CA ARG A 86 -35.89 -6.12 -9.76
C ARG A 86 -34.39 -5.86 -9.94
N GLU A 87 -34.00 -4.65 -10.34
CA GLU A 87 -32.56 -4.33 -10.57
C GLU A 87 -31.81 -4.32 -9.23
N LEU A 88 -32.45 -3.86 -8.14
CA LEU A 88 -31.78 -3.77 -6.82
C LEU A 88 -31.50 -5.21 -6.33
N ALA A 89 -32.47 -6.10 -6.45
CA ALA A 89 -32.30 -7.54 -6.15
C ALA A 89 -31.15 -8.10 -7.00
N ALA A 90 -31.10 -7.78 -8.28
CA ALA A 90 -30.13 -8.34 -9.23
C ALA A 90 -28.72 -7.88 -8.83
N ALA A 91 -28.54 -6.59 -8.50
CA ALA A 91 -27.20 -6.07 -8.15
C ALA A 91 -26.62 -6.87 -6.97
N TYR A 92 -27.42 -7.14 -5.95
CA TYR A 92 -26.95 -7.95 -4.79
C TYR A 92 -26.67 -9.39 -5.20
N ARG A 93 -27.46 -10.02 -6.08
CA ARG A 93 -27.07 -11.38 -6.55
C ARG A 93 -25.67 -11.36 -7.20
N GLU A 94 -25.33 -10.35 -8.02
CA GLU A 94 -24.03 -10.28 -8.72
C GLU A 94 -22.95 -10.06 -7.66
N VAL A 95 -23.22 -9.32 -6.56
CA VAL A 95 -22.24 -9.14 -5.45
C VAL A 95 -21.96 -10.52 -4.82
N ALA A 96 -22.99 -11.29 -4.55
CA ALA A 96 -22.77 -12.64 -3.93
C ALA A 96 -21.88 -13.51 -4.83
N LYS A 97 -22.06 -13.46 -6.15
CA LYS A 97 -21.23 -14.23 -7.13
C LYS A 97 -19.78 -13.77 -7.03
N GLU A 98 -19.52 -12.47 -6.99
CA GLU A 98 -18.15 -11.93 -6.94
C GLU A 98 -17.47 -12.31 -5.63
N VAL A 99 -18.17 -12.14 -4.51
CA VAL A 99 -17.60 -12.43 -3.17
C VAL A 99 -17.20 -13.92 -3.17
N THR A 100 -18.07 -14.76 -3.71
CA THR A 100 -17.79 -16.22 -3.77
C THR A 100 -16.57 -16.49 -4.65
N ARG A 101 -16.51 -15.93 -5.85
CA ARG A 101 -15.41 -16.12 -6.83
C ARG A 101 -14.08 -15.69 -6.19
N LEU A 102 -14.05 -14.59 -5.42
CA LEU A 102 -12.82 -14.02 -4.89
C LEU A 102 -12.27 -14.91 -3.77
N GLY A 103 -13.13 -15.68 -3.11
CA GLY A 103 -12.73 -16.59 -2.01
C GLY A 103 -12.35 -15.82 -0.77
N VAL A 104 -12.83 -14.58 -0.61
CA VAL A 104 -12.64 -13.81 0.63
C VAL A 104 -13.39 -14.46 1.83
N ASN A 105 -12.91 -14.18 3.03
CA ASN A 105 -13.60 -14.62 4.26
C ASN A 105 -14.45 -13.50 4.84
N SER A 106 -14.40 -12.30 4.28
CA SER A 106 -15.19 -11.16 4.83
C SER A 106 -15.36 -10.12 3.73
N VAL A 107 -16.42 -9.32 3.86
CA VAL A 107 -16.79 -8.26 2.88
C VAL A 107 -17.48 -7.11 3.63
N ALA A 108 -17.12 -5.89 3.27
CA ALA A 108 -17.76 -4.63 3.74
C ALA A 108 -18.78 -4.22 2.67
N ILE A 109 -20.03 -3.95 3.05
N ILE A 109 -20.05 -4.06 3.04
CA ILE A 109 -21.12 -3.69 2.07
CA ILE A 109 -21.16 -3.73 2.08
C ILE A 109 -22.02 -2.55 2.54
C ILE A 109 -21.91 -2.49 2.57
N PRO A 110 -22.30 -1.56 1.67
CA PRO A 110 -23.29 -0.52 1.94
C PRO A 110 -24.70 -0.96 1.52
N LEU A 111 -25.77 -0.32 2.02
CA LEU A 111 -27.13 -0.62 1.52
C LEU A 111 -27.35 0.14 0.22
N LEU A 112 -27.36 -0.59 -0.91
CA LEU A 112 -27.50 -0.02 -2.27
C LEU A 112 -28.84 0.69 -2.38
N SER A 113 -28.80 1.79 -3.12
CA SER A 113 -29.99 2.58 -3.54
C SER A 113 -30.72 3.22 -2.31
N THR A 114 -30.04 3.49 -1.20
CA THR A 114 -30.65 4.08 0.02
C THR A 114 -30.31 5.57 0.19
N GLY A 115 -29.38 6.12 -0.60
CA GLY A 115 -28.91 7.52 -0.50
C GLY A 115 -29.43 8.33 -1.69
N VAL A 116 -28.53 8.85 -2.52
CA VAL A 116 -28.98 9.71 -3.67
C VAL A 116 -29.69 8.90 -4.75
N TYR A 117 -29.63 7.56 -4.76
CA TYR A 117 -30.42 6.75 -5.72
C TYR A 117 -31.77 6.32 -5.11
N SER A 118 -32.14 6.82 -3.93
CA SER A 118 -33.36 6.34 -3.20
C SER A 118 -34.64 6.94 -3.80
N GLY A 119 -34.52 7.93 -4.68
CA GLY A 119 -35.73 8.62 -5.18
C GLY A 119 -36.54 9.25 -4.05
N GLY A 120 -35.87 9.66 -2.97
CA GLY A 120 -36.42 10.39 -1.82
C GLY A 120 -37.21 9.50 -0.86
N LYS A 121 -37.10 8.17 -0.95
CA LYS A 121 -37.87 7.23 -0.08
C LYS A 121 -36.89 6.49 0.84
N ASP A 122 -37.38 6.10 2.01
CA ASP A 122 -36.70 5.23 3.00
C ASP A 122 -36.75 3.83 2.43
N ARG A 123 -35.59 3.27 2.06
CA ARG A 123 -35.51 1.93 1.45
C ARG A 123 -34.65 1.01 2.32
N LEU A 124 -34.47 1.31 3.62
CA LEU A 124 -33.67 0.46 4.55
C LEU A 124 -34.13 -0.99 4.42
N THR A 125 -35.41 -1.29 4.67
CA THR A 125 -35.94 -2.68 4.73
C THR A 125 -35.81 -3.31 3.35
N GLN A 126 -36.22 -2.61 2.30
CA GLN A 126 -36.19 -3.12 0.91
C GLN A 126 -34.75 -3.55 0.56
N SER A 127 -33.78 -2.66 0.75
CA SER A 127 -32.38 -2.89 0.31
C SER A 127 -31.74 -3.98 1.18
N LEU A 128 -31.95 -3.88 2.51
CA LEU A 128 -31.41 -4.90 3.47
C LEU A 128 -31.97 -6.29 3.12
N ASN A 129 -33.27 -6.44 2.80
CA ASN A 129 -33.86 -7.77 2.55
C ASN A 129 -33.31 -8.34 1.25
N HIS A 130 -33.01 -7.48 0.26
CA HIS A 130 -32.37 -7.98 -0.97
C HIS A 130 -30.92 -8.42 -0.68
N LEU A 131 -30.21 -7.70 0.15
CA LEU A 131 -28.84 -8.04 0.61
C LEU A 131 -28.89 -9.45 1.23
N PHE A 132 -29.80 -9.66 2.17
CA PHE A 132 -29.92 -10.99 2.85
C PHE A 132 -30.21 -12.05 1.82
N THR A 133 -31.18 -11.87 0.91
CA THR A 133 -31.56 -12.92 -0.08
C THR A 133 -30.30 -13.41 -0.82
N ALA A 134 -29.45 -12.48 -1.21
CA ALA A 134 -28.24 -12.75 -2.00
C ALA A 134 -27.16 -13.40 -1.13
N MET A 135 -26.91 -12.83 0.05
CA MET A 135 -25.70 -13.16 0.83
C MET A 135 -25.92 -14.34 1.77
N ASP A 136 -27.16 -14.74 2.00
CA ASP A 136 -27.42 -15.79 3.04
C ASP A 136 -26.73 -17.10 2.68
N SER A 137 -26.63 -17.42 1.41
CA SER A 137 -26.03 -18.67 0.90
C SER A 137 -24.51 -18.55 0.81
N THR A 138 -23.90 -17.38 1.09
CA THR A 138 -22.42 -17.23 1.10
C THR A 138 -21.89 -17.49 2.52
N ASP A 139 -20.62 -17.86 2.63
CA ASP A 139 -20.00 -18.09 3.95
C ASP A 139 -19.02 -16.98 4.33
N ALA A 140 -19.03 -15.83 3.65
CA ALA A 140 -18.21 -14.68 4.10
C ALA A 140 -18.85 -13.98 5.32
N ASP A 141 -18.04 -13.50 6.26
CA ASP A 141 -18.49 -12.54 7.30
C ASP A 141 -18.93 -11.28 6.54
N VAL A 142 -20.17 -10.83 6.75
CA VAL A 142 -20.69 -9.61 6.09
C VAL A 142 -20.77 -8.51 7.13
N VAL A 143 -20.15 -7.39 6.85
CA VAL A 143 -20.22 -6.19 7.71
C VAL A 143 -20.86 -5.05 6.91
N ILE A 144 -22.03 -4.62 7.35
CA ILE A 144 -22.86 -3.57 6.70
C ILE A 144 -22.46 -2.23 7.28
N TYR A 145 -22.12 -1.25 6.44
CA TYR A 145 -21.67 0.11 6.86
C TYR A 145 -22.82 1.08 6.61
N CYS A 146 -23.14 1.91 7.61
CA CYS A 146 -24.14 3.00 7.48
C CYS A 146 -23.59 4.26 8.16
N ARG A 147 -24.34 5.38 8.02
CA ARG A 147 -24.00 6.74 8.50
C ARG A 147 -24.90 7.12 9.69
N ASP A 148 -26.19 6.77 9.60
CA ASP A 148 -27.27 7.33 10.46
C ASP A 148 -27.42 6.48 11.73
N LYS A 149 -27.48 7.10 12.93
CA LYS A 149 -27.64 6.36 14.21
C LYS A 149 -28.96 5.56 14.27
N GLU A 150 -30.05 6.08 13.74
CA GLU A 150 -31.34 5.35 13.77
C GLU A 150 -31.32 4.15 12.80
N TRP A 151 -30.69 4.33 11.63
CA TRP A 151 -30.42 3.21 10.69
C TRP A 151 -29.58 2.12 11.35
N GLU A 152 -28.51 2.44 12.05
CA GLU A 152 -27.64 1.46 12.76
C GLU A 152 -28.54 0.60 13.66
N LYS A 153 -29.40 1.22 14.46
CA LYS A 153 -30.31 0.52 15.40
C LYS A 153 -31.25 -0.39 14.63
N LYS A 154 -31.89 0.09 13.56
CA LYS A 154 -32.85 -0.72 12.77
C LYS A 154 -32.16 -1.88 12.05
N ILE A 155 -31.00 -1.63 11.49
CA ILE A 155 -30.22 -2.73 10.84
C ILE A 155 -29.82 -3.77 11.91
N SER A 156 -29.32 -3.33 13.06
CA SER A 156 -28.91 -4.26 14.11
C SER A 156 -30.12 -5.11 14.54
N GLU A 157 -31.28 -4.49 14.71
CA GLU A 157 -32.52 -5.22 15.15
C GLU A 157 -32.92 -6.29 14.11
N ALA A 158 -32.84 -5.96 12.82
CA ALA A 158 -33.21 -6.88 11.71
C ALA A 158 -32.24 -8.05 11.70
N ILE A 159 -30.96 -7.82 11.97
CA ILE A 159 -29.98 -8.94 12.01
C ILE A 159 -30.34 -9.85 13.21
N GLN A 160 -30.51 -9.23 14.39
CA GLN A 160 -30.71 -9.95 15.68
C GLN A 160 -32.04 -10.74 15.60
N MET A 161 -33.03 -10.24 14.87
CA MET A 161 -34.38 -10.89 14.70
C MET A 161 -34.27 -12.31 14.17
N ARG A 162 -33.31 -12.59 13.28
CA ARG A 162 -33.16 -13.88 12.57
C ARG A 162 -32.22 -14.82 13.33
N THR A 163 -31.64 -14.37 14.46
CA THR A 163 -30.65 -15.12 15.28
C THR A 163 -31.32 -15.71 16.53
N GLY B 1 0.85 -10.37 32.94
CA GLY B 1 2.03 -9.48 33.17
C GLY B 1 3.15 -9.73 32.16
N ALA B 2 3.95 -8.71 31.89
CA ALA B 2 5.16 -8.84 31.06
C ALA B 2 6.16 -9.61 31.91
N MET B 3 7.06 -10.39 31.29
CA MET B 3 7.97 -11.32 32.03
C MET B 3 8.89 -10.49 32.94
N ALA B 4 9.34 -9.35 32.43
CA ALA B 4 10.13 -8.38 33.21
C ALA B 4 9.58 -6.99 32.90
N PRO B 5 8.50 -6.55 33.59
CA PRO B 5 7.83 -5.30 33.24
C PRO B 5 8.86 -4.17 33.01
N SER B 6 8.71 -3.44 31.91
CA SER B 6 9.65 -2.37 31.48
C SER B 6 8.86 -1.11 31.07
N TYR B 7 9.59 -0.01 30.99
CA TYR B 7 9.21 1.20 30.21
C TYR B 7 10.18 1.35 29.02
N ARG B 8 9.62 1.69 27.85
CA ARG B 8 10.39 2.02 26.62
C ARG B 8 9.78 3.27 25.97
N VAL B 9 10.60 4.06 25.27
CA VAL B 9 10.12 5.25 24.51
C VAL B 9 10.41 5.02 23.02
N LYS B 10 9.41 5.30 22.17
CA LYS B 10 9.52 5.24 20.69
C LYS B 10 9.04 6.58 20.11
N ARG B 11 9.91 7.26 19.37
CA ARG B 11 9.56 8.47 18.60
C ARG B 11 9.01 8.00 17.26
N MET B 12 7.70 7.87 17.16
CA MET B 12 6.93 7.43 15.97
C MET B 12 5.45 7.61 16.30
N ASP B 13 4.58 7.42 15.31
CA ASP B 13 3.11 7.60 15.39
C ASP B 13 2.54 6.46 16.25
N ILE B 14 1.83 6.80 17.33
CA ILE B 14 1.16 5.83 18.26
C ILE B 14 0.11 4.97 17.54
N ALA B 15 -0.40 5.44 16.39
CA ALA B 15 -1.49 4.82 15.59
C ALA B 15 -1.12 3.41 15.08
N LYS B 16 0.16 3.12 14.92
CA LYS B 16 0.64 1.83 14.35
C LYS B 16 1.25 0.97 15.48
N ASN B 17 0.78 1.14 16.73
CA ASN B 17 1.42 0.50 17.91
C ASN B 17 1.38 -1.02 17.74
N ASP B 18 2.50 -1.67 18.09
CA ASP B 18 2.71 -3.14 18.19
C ASP B 18 2.47 -3.59 19.64
N GLU B 19 1.82 -2.76 20.46
CA GLU B 19 1.42 -3.17 21.85
C GLU B 19 0.01 -3.71 21.83
N GLU B 20 -0.45 -4.30 22.94
CA GLU B 20 -1.75 -5.03 23.04
C GLU B 20 -2.95 -4.11 23.27
N CYS B 21 -2.73 -2.83 23.55
CA CYS B 21 -3.81 -1.82 23.64
C CYS B 21 -3.19 -0.43 23.52
N VAL B 22 -4.02 0.59 23.24
CA VAL B 22 -3.55 2.00 23.08
C VAL B 22 -4.33 2.92 24.03
N VAL B 23 -3.63 3.94 24.49
CA VAL B 23 -4.23 5.07 25.26
C VAL B 23 -4.33 6.23 24.25
N ASN B 24 -5.54 6.71 24.10
CA ASN B 24 -5.87 7.92 23.31
C ASN B 24 -5.82 9.14 24.24
N ALA B 25 -5.11 10.18 23.82
CA ALA B 25 -5.18 11.51 24.46
C ALA B 25 -6.52 12.12 24.00
N ALA B 26 -7.60 11.77 24.66
CA ALA B 26 -8.98 12.05 24.23
C ALA B 26 -9.46 13.47 24.64
N ASN B 27 -10.50 13.96 23.98
CA ASN B 27 -11.30 15.09 24.48
C ASN B 27 -12.53 14.56 25.18
N PRO B 28 -13.20 15.34 26.04
CA PRO B 28 -14.31 14.85 26.84
C PRO B 28 -15.55 14.44 26.05
N ARG B 29 -15.65 14.88 24.79
CA ARG B 29 -16.90 14.76 24.04
C ARG B 29 -16.80 13.61 23.04
N GLY B 30 -15.67 12.91 22.98
CA GLY B 30 -15.44 11.86 21.99
C GLY B 30 -15.46 12.38 20.56
N LEU B 31 -14.87 13.55 20.32
CA LEU B 31 -14.70 14.12 18.98
C LEU B 31 -13.36 13.71 18.41
N PRO B 32 -13.21 13.78 17.07
CA PRO B 32 -11.92 13.51 16.43
C PRO B 32 -10.67 14.28 16.90
N GLY B 33 -10.77 15.56 17.23
CA GLY B 33 -9.67 16.25 17.96
C GLY B 33 -8.44 16.47 17.10
N ASP B 34 -7.28 16.59 17.74
CA ASP B 34 -5.99 16.93 17.07
C ASP B 34 -4.88 16.01 17.56
N GLY B 35 -3.71 16.10 16.92
CA GLY B 35 -2.49 15.34 17.32
C GLY B 35 -2.77 13.87 17.45
N VAL B 36 -2.36 13.29 18.58
CA VAL B 36 -2.66 11.85 18.91
C VAL B 36 -4.12 11.49 18.66
N CYS B 37 -5.07 12.26 19.15
CA CYS B 37 -6.51 11.91 19.06
C CYS B 37 -6.93 11.76 17.60
N LYS B 38 -6.47 12.65 16.74
CA LYS B 38 -6.74 12.61 15.28
C LYS B 38 -6.09 11.34 14.70
N ALA B 39 -4.83 11.07 15.08
CA ALA B 39 -4.08 9.85 14.67
C ALA B 39 -4.88 8.60 15.05
N VAL B 40 -5.51 8.60 16.23
CA VAL B 40 -6.37 7.50 16.77
C VAL B 40 -7.73 7.42 16.08
N TYR B 41 -8.31 8.57 15.74
CA TYR B 41 -9.48 8.62 14.85
C TYR B 41 -9.07 8.08 13.47
N LYS B 42 -7.88 8.39 12.96
CA LYS B 42 -7.48 7.94 11.60
C LYS B 42 -7.31 6.42 11.58
N LYS B 43 -6.71 5.84 12.61
CA LYS B 43 -6.26 4.42 12.62
C LYS B 43 -7.36 3.50 13.16
N TRP B 44 -8.04 3.91 14.24
CA TRP B 44 -9.07 3.11 14.94
C TRP B 44 -10.36 3.91 15.08
N PRO B 45 -10.99 4.37 13.97
CA PRO B 45 -12.22 5.17 14.04
C PRO B 45 -13.39 4.49 14.79
N GLU B 46 -13.47 3.17 14.72
CA GLU B 46 -14.53 2.35 15.37
C GLU B 46 -14.49 2.60 16.89
N SER B 47 -13.29 2.92 17.42
CA SER B 47 -13.04 3.11 18.87
C SER B 47 -13.69 4.39 19.41
N PHE B 48 -14.22 5.29 18.57
CA PHE B 48 -14.78 6.59 19.03
C PHE B 48 -16.29 6.50 19.28
N LYS B 49 -16.89 5.32 19.12
CA LYS B 49 -18.33 5.09 19.42
C LYS B 49 -18.54 5.12 20.95
N ASN B 50 -19.33 6.09 21.43
CA ASN B 50 -19.82 6.26 22.82
C ASN B 50 -18.61 6.35 23.77
N SER B 51 -17.74 7.30 23.47
CA SER B 51 -16.40 7.42 24.11
C SER B 51 -16.34 8.67 25.00
N ALA B 52 -17.32 9.58 24.92
CA ALA B 52 -17.42 10.79 25.79
C ALA B 52 -17.28 10.38 27.27
N THR B 53 -16.45 11.10 28.01
CA THR B 53 -16.17 10.85 29.44
C THR B 53 -15.57 12.12 30.03
N PRO B 54 -15.76 12.40 31.34
CA PRO B 54 -15.28 13.62 31.95
C PRO B 54 -13.75 13.72 32.02
N VAL B 55 -13.30 14.96 32.20
CA VAL B 55 -11.86 15.23 32.47
C VAL B 55 -11.45 14.42 33.71
N GLY B 56 -10.25 13.84 33.65
CA GLY B 56 -9.67 13.09 34.76
C GLY B 56 -10.12 11.64 34.77
N THR B 57 -10.81 11.19 33.71
CA THR B 57 -11.32 9.79 33.63
C THR B 57 -10.81 9.12 32.35
N ALA B 58 -10.93 7.80 32.31
CA ALA B 58 -10.57 6.98 31.14
C ALA B 58 -11.74 6.06 30.88
N LYS B 59 -12.09 5.88 29.59
CA LYS B 59 -13.22 5.03 29.13
C LYS B 59 -12.71 4.16 27.98
N THR B 60 -12.80 2.84 28.12
CA THR B 60 -12.26 1.89 27.12
C THR B 60 -13.39 1.52 26.19
N VAL B 61 -13.11 1.59 24.90
CA VAL B 61 -14.05 1.10 23.85
C VAL B 61 -13.29 0.08 23.00
N MET B 62 -13.83 -1.12 22.78
CA MET B 62 -13.13 -2.14 21.96
C MET B 62 -13.22 -1.79 20.47
N CYS B 63 -12.42 -2.45 19.64
CA CYS B 63 -12.56 -2.41 18.17
C CYS B 63 -11.82 -3.56 17.51
N GLY B 64 -12.59 -4.48 16.92
CA GLY B 64 -12.22 -5.90 16.81
C GLY B 64 -11.74 -6.37 18.16
N THR B 65 -10.46 -6.71 18.26
CA THR B 65 -9.82 -7.32 19.45
C THR B 65 -8.86 -6.32 20.12
N TYR B 66 -8.86 -5.05 19.69
CA TYR B 66 -7.82 -4.04 20.07
C TYR B 66 -8.41 -2.97 20.99
N PRO B 67 -8.03 -2.95 22.29
CA PRO B 67 -8.53 -1.95 23.24
C PRO B 67 -7.90 -0.56 23.04
N VAL B 68 -8.77 0.44 22.84
CA VAL B 68 -8.49 1.90 22.90
C VAL B 68 -9.07 2.47 24.20
N ILE B 69 -8.18 2.95 25.07
CA ILE B 69 -8.46 3.55 26.41
C ILE B 69 -8.48 5.08 26.22
N HIS B 70 -9.66 5.67 26.24
CA HIS B 70 -9.83 7.14 26.00
C HIS B 70 -9.58 7.85 27.33
N ALA B 71 -8.41 8.45 27.47
CA ALA B 71 -8.00 9.14 28.70
C ALA B 71 -8.08 10.67 28.50
N VAL B 72 -8.87 11.32 29.34
CA VAL B 72 -9.14 12.78 29.17
C VAL B 72 -8.29 13.55 30.17
N GLY B 73 -7.16 14.07 29.70
CA GLY B 73 -6.38 15.03 30.47
C GLY B 73 -6.97 16.44 30.38
N PRO B 74 -6.61 17.30 31.34
CA PRO B 74 -7.17 18.66 31.39
C PRO B 74 -6.56 19.51 30.29
N ASN B 75 -7.38 20.48 29.80
CA ASN B 75 -6.84 21.56 28.94
C ASN B 75 -6.34 22.67 29.88
N PHE B 76 -5.05 22.88 29.95
CA PHE B 76 -4.47 23.89 30.83
C PHE B 76 -4.77 25.31 30.29
N SER B 77 -5.36 25.46 29.09
CA SER B 77 -5.98 26.77 28.72
C SER B 77 -7.16 27.09 29.66
N ASN B 78 -7.84 26.08 30.18
CA ASN B 78 -9.12 26.24 30.91
C ASN B 78 -8.93 26.03 32.42
N TYR B 79 -8.04 25.10 32.82
CA TYR B 79 -7.81 24.71 34.24
C TYR B 79 -6.68 25.57 34.78
N THR B 80 -6.69 25.90 36.06
CA THR B 80 -5.53 26.45 36.80
C THR B 80 -4.42 25.39 36.83
N GLU B 81 -3.20 25.82 37.09
CA GLU B 81 -2.07 24.88 37.32
C GLU B 81 -2.45 23.88 38.42
N SER B 82 -3.04 24.38 39.52
CA SER B 82 -3.40 23.53 40.68
C SER B 82 -4.46 22.51 40.26
N GLU B 83 -5.58 22.96 39.69
CA GLU B 83 -6.70 22.05 39.41
C GLU B 83 -6.33 21.10 38.27
N GLY B 84 -5.58 21.60 37.30
CA GLY B 84 -5.09 20.81 36.15
C GLY B 84 -4.16 19.72 36.64
N ASP B 85 -3.26 20.03 37.57
CA ASP B 85 -2.28 19.02 38.05
C ASP B 85 -3.03 17.84 38.65
N ARG B 86 -4.11 18.11 39.37
CA ARG B 86 -4.90 17.06 40.06
C ARG B 86 -5.59 16.19 39.00
N GLU B 87 -6.19 16.81 37.96
CA GLU B 87 -6.98 16.08 36.94
C GLU B 87 -6.02 15.28 36.06
N LEU B 88 -4.81 15.77 35.83
CA LEU B 88 -3.81 15.06 35.01
C LEU B 88 -3.37 13.79 35.75
N ALA B 89 -3.08 13.90 37.05
CA ALA B 89 -2.77 12.74 37.91
C ALA B 89 -3.94 11.73 37.85
N ALA B 90 -5.18 12.19 37.94
CA ALA B 90 -6.40 11.37 37.98
C ALA B 90 -6.55 10.57 36.68
N ALA B 91 -6.32 11.20 35.53
CA ALA B 91 -6.50 10.56 34.21
C ALA B 91 -5.55 9.37 34.18
N TYR B 92 -4.29 9.58 34.58
CA TYR B 92 -3.33 8.46 34.53
C TYR B 92 -3.74 7.37 35.54
N ARG B 93 -4.22 7.72 36.73
CA ARG B 93 -4.67 6.66 37.68
C ARG B 93 -5.77 5.79 37.07
N GLU B 94 -6.73 6.39 36.35
N GLU B 94 -6.70 6.39 36.32
CA GLU B 94 -7.82 5.64 35.67
CA GLU B 94 -7.82 5.65 35.68
C GLU B 94 -7.22 4.77 34.56
C GLU B 94 -7.26 4.80 34.52
N VAL B 95 -6.20 5.25 33.85
CA VAL B 95 -5.50 4.44 32.81
C VAL B 95 -4.90 3.17 33.47
N ALA B 96 -4.21 3.30 34.59
CA ALA B 96 -3.62 2.16 35.33
C ALA B 96 -4.69 1.12 35.69
N LYS B 97 -5.82 1.55 36.26
CA LYS B 97 -6.98 0.69 36.58
C LYS B 97 -7.48 -0.03 35.33
N GLU B 98 -7.61 0.66 34.19
CA GLU B 98 -8.09 0.04 32.95
C GLU B 98 -7.09 -0.99 32.39
N VAL B 99 -5.82 -0.66 32.30
CA VAL B 99 -4.77 -1.60 31.83
C VAL B 99 -4.84 -2.85 32.73
N THR B 100 -4.96 -2.66 34.05
CA THR B 100 -5.02 -3.80 35.04
C THR B 100 -6.30 -4.62 34.74
N ARG B 101 -7.45 -3.99 34.57
CA ARG B 101 -8.73 -4.70 34.34
C ARG B 101 -8.67 -5.52 33.04
N LEU B 102 -8.03 -4.99 32.01
CA LEU B 102 -8.03 -5.61 30.65
C LEU B 102 -7.12 -6.85 30.63
N GLY B 103 -6.10 -6.92 31.49
CA GLY B 103 -5.21 -8.10 31.57
C GLY B 103 -4.15 -8.10 30.50
N VAL B 104 -3.99 -6.99 29.78
CA VAL B 104 -2.96 -6.85 28.73
C VAL B 104 -1.59 -6.99 29.37
N ASN B 105 -0.60 -7.39 28.57
CA ASN B 105 0.82 -7.47 28.95
C ASN B 105 1.57 -6.30 28.35
N SER B 106 0.96 -5.47 27.51
CA SER B 106 1.63 -4.26 26.99
C SER B 106 0.57 -3.17 26.70
N VAL B 107 1.04 -1.93 26.64
CA VAL B 107 0.18 -0.72 26.42
C VAL B 107 1.05 0.38 25.79
N ALA B 108 0.52 1.03 24.75
CA ALA B 108 1.12 2.21 24.10
C ALA B 108 0.43 3.43 24.70
N ILE B 109 1.20 4.38 25.19
N ILE B 109 1.23 4.35 25.22
CA ILE B 109 0.65 5.55 25.92
CA ILE B 109 0.77 5.55 26.01
C ILE B 109 1.39 6.82 25.51
C ILE B 109 1.41 6.81 25.44
N PRO B 110 0.64 7.90 25.20
CA PRO B 110 1.23 9.20 24.91
C PRO B 110 1.32 10.03 26.22
N LEU B 111 2.06 11.13 26.21
CA LEU B 111 2.11 12.08 27.36
C LEU B 111 0.86 12.99 27.30
N LEU B 112 -0.13 12.73 28.14
CA LEU B 112 -1.37 13.52 28.25
C LEU B 112 -1.04 14.99 28.59
N SER B 113 -1.84 15.86 27.98
CA SER B 113 -1.82 17.34 28.18
C SER B 113 -0.49 17.98 27.73
N THR B 114 0.26 17.41 26.77
CA THR B 114 1.56 17.99 26.36
C THR B 114 1.45 18.68 24.98
N GLY B 115 0.34 18.52 24.27
CA GLY B 115 0.09 19.12 22.94
C GLY B 115 -0.85 20.32 23.05
N VAL B 116 -1.97 20.27 22.31
CA VAL B 116 -2.97 21.36 22.26
C VAL B 116 -3.49 21.65 23.67
N TYR B 117 -3.49 20.68 24.59
CA TYR B 117 -4.00 20.88 25.99
C TYR B 117 -2.91 21.43 26.94
N SER B 118 -1.69 21.75 26.47
CA SER B 118 -0.54 22.20 27.31
C SER B 118 -0.68 23.66 27.79
N GLY B 119 -1.60 24.44 27.22
CA GLY B 119 -1.70 25.86 27.55
C GLY B 119 -0.43 26.59 27.17
N GLY B 120 0.29 26.11 26.16
CA GLY B 120 1.55 26.68 25.66
C GLY B 120 2.76 26.45 26.57
N LYS B 121 2.72 25.51 27.52
CA LYS B 121 3.86 25.22 28.42
C LYS B 121 4.47 23.85 28.11
N ASP B 122 5.78 23.71 28.30
CA ASP B 122 6.53 22.42 28.23
C ASP B 122 6.16 21.58 29.47
N ARG B 123 5.40 20.50 29.29
CA ARG B 123 4.87 19.67 30.43
C ARG B 123 5.45 18.24 30.35
N LEU B 124 6.57 18.05 29.69
CA LEU B 124 7.12 16.68 29.49
C LEU B 124 7.36 16.06 30.89
N THR B 125 8.05 16.78 31.76
CA THR B 125 8.46 16.27 33.09
C THR B 125 7.20 16.03 33.96
N GLN B 126 6.33 17.02 34.03
CA GLN B 126 5.04 16.94 34.76
C GLN B 126 4.23 15.71 34.30
N SER B 127 4.00 15.59 33.01
CA SER B 127 3.14 14.53 32.44
C SER B 127 3.81 13.16 32.67
N LEU B 128 5.12 13.06 32.42
CA LEU B 128 5.86 11.78 32.61
C LEU B 128 5.83 11.38 34.09
N ASN B 129 5.93 12.32 35.02
CA ASN B 129 5.94 12.03 36.49
C ASN B 129 4.58 11.44 36.86
N HIS B 130 3.47 11.98 36.35
CA HIS B 130 2.12 11.43 36.66
C HIS B 130 1.93 10.06 35.99
N LEU B 131 2.53 9.84 34.81
CA LEU B 131 2.47 8.54 34.08
C LEU B 131 3.15 7.46 34.96
N PHE B 132 4.38 7.73 35.40
CA PHE B 132 5.14 6.83 36.30
C PHE B 132 4.36 6.59 37.60
N THR B 133 3.87 7.63 38.28
CA THR B 133 3.15 7.48 39.57
C THR B 133 2.03 6.45 39.43
N ALA B 134 1.30 6.49 38.32
CA ALA B 134 0.14 5.61 38.09
C ALA B 134 0.63 4.22 37.64
N MET B 135 1.59 4.18 36.74
CA MET B 135 1.86 2.93 35.96
C MET B 135 2.90 2.08 36.71
N ASP B 136 3.61 2.64 37.70
CA ASP B 136 4.76 1.97 38.37
C ASP B 136 4.27 0.64 38.98
N SER B 137 3.06 0.61 39.52
CA SER B 137 2.53 -0.56 40.27
C SER B 137 1.88 -1.58 39.33
N THR B 138 1.77 -1.30 38.02
CA THR B 138 1.20 -2.24 37.01
C THR B 138 2.34 -3.12 36.47
N ASP B 139 2.00 -4.31 35.95
CA ASP B 139 3.02 -5.21 35.38
C ASP B 139 3.00 -5.24 33.86
N ALA B 140 2.26 -4.36 33.18
CA ALA B 140 2.25 -4.34 31.70
C ALA B 140 3.55 -3.72 31.20
N ASP B 141 4.04 -4.18 30.05
CA ASP B 141 5.15 -3.48 29.36
C ASP B 141 4.55 -2.15 28.85
N VAL B 142 5.17 -1.02 29.21
CA VAL B 142 4.66 0.32 28.78
C VAL B 142 5.60 0.91 27.74
N VAL B 143 5.05 1.28 26.59
CA VAL B 143 5.83 1.99 25.54
C VAL B 143 5.22 3.39 25.38
N ILE B 144 6.03 4.40 25.65
CA ILE B 144 5.64 5.82 25.54
C ILE B 144 5.91 6.25 24.10
N TYR B 145 4.92 6.86 23.43
CA TYR B 145 5.07 7.42 22.07
C TYR B 145 5.17 8.94 22.16
N CYS B 146 6.19 9.49 21.48
CA CYS B 146 6.41 10.96 21.30
C CYS B 146 6.71 11.25 19.81
N ARG B 147 6.80 12.53 19.42
CA ARG B 147 7.17 12.92 18.03
C ARG B 147 8.49 13.71 18.00
N ASP B 148 8.79 14.47 19.04
CA ASP B 148 10.00 15.34 19.03
C ASP B 148 11.21 14.49 19.43
N LYS B 149 12.33 14.69 18.74
CA LYS B 149 13.58 13.93 18.98
C LYS B 149 14.21 14.39 20.29
N GLU B 150 14.10 15.66 20.67
CA GLU B 150 14.62 16.16 21.96
C GLU B 150 13.78 15.53 23.09
N TRP B 151 12.48 15.35 22.83
CA TRP B 151 11.53 14.74 23.82
C TRP B 151 11.89 13.26 23.98
N GLU B 152 12.09 12.51 22.87
CA GLU B 152 12.59 11.11 22.94
C GLU B 152 13.81 11.05 23.87
N LYS B 153 14.81 11.91 23.64
CA LYS B 153 16.07 11.98 24.42
C LYS B 153 15.75 12.15 25.91
N LYS B 154 14.94 13.15 26.26
CA LYS B 154 14.65 13.50 27.68
C LYS B 154 13.85 12.39 28.40
N ILE B 155 12.92 11.75 27.69
CA ILE B 155 12.07 10.63 28.22
C ILE B 155 12.95 9.39 28.40
N SER B 156 13.72 9.06 27.37
CA SER B 156 14.69 7.94 27.40
C SER B 156 15.60 8.09 28.60
N GLU B 157 16.18 9.28 28.81
CA GLU B 157 17.06 9.65 29.95
C GLU B 157 16.32 9.46 31.27
N ALA B 158 15.05 9.88 31.34
CA ALA B 158 14.28 9.82 32.60
C ALA B 158 14.07 8.35 32.96
N ILE B 159 13.83 7.46 31.97
CA ILE B 159 13.57 6.00 32.18
C ILE B 159 14.84 5.36 32.73
N GLN B 160 15.98 5.64 32.08
CA GLN B 160 17.29 4.99 32.38
C GLN B 160 17.77 5.40 33.76
N MET B 161 17.47 6.63 34.19
CA MET B 161 17.96 7.21 35.45
C MET B 161 17.47 6.39 36.65
N ARG B 162 16.37 5.65 36.47
CA ARG B 162 15.61 5.01 37.58
C ARG B 162 16.07 3.56 37.76
N THR B 163 16.72 2.98 36.75
CA THR B 163 17.06 1.54 36.62
C THR B 163 18.56 1.38 36.90
N GLY C 1 24.19 -3.63 -13.83
CA GLY C 1 23.08 -4.60 -14.22
C GLY C 1 23.56 -6.04 -14.29
N ALA C 2 22.72 -7.02 -13.99
CA ALA C 2 23.01 -8.42 -14.32
C ALA C 2 22.86 -8.56 -15.83
N MET C 3 23.73 -9.34 -16.51
CA MET C 3 23.65 -9.47 -17.98
C MET C 3 22.26 -9.98 -18.42
N ALA C 4 21.61 -10.83 -17.65
CA ALA C 4 20.26 -11.36 -17.95
C ALA C 4 19.52 -11.45 -16.63
N PRO C 5 18.99 -10.29 -16.14
CA PRO C 5 18.36 -10.22 -14.82
C PRO C 5 17.37 -11.36 -14.60
N SER C 6 17.47 -12.02 -13.45
CA SER C 6 16.66 -13.22 -13.10
C SER C 6 16.04 -13.13 -11.72
N TYR C 7 15.05 -13.99 -11.49
CA TYR C 7 14.55 -14.35 -10.15
C TYR C 7 14.93 -15.79 -9.80
N ARG C 8 15.36 -16.03 -8.57
CA ARG C 8 15.63 -17.38 -8.00
C ARG C 8 15.03 -17.46 -6.62
N VAL C 9 14.74 -18.67 -6.16
CA VAL C 9 14.36 -18.88 -4.74
C VAL C 9 15.29 -19.93 -4.14
N LYS C 10 15.67 -19.70 -2.89
CA LYS C 10 16.51 -20.61 -2.09
C LYS C 10 15.86 -20.83 -0.73
N ARG C 11 15.82 -22.09 -0.32
CA ARG C 11 15.38 -22.48 1.04
C ARG C 11 16.64 -22.55 1.91
N MET C 12 16.93 -21.47 2.64
CA MET C 12 18.27 -21.22 3.20
C MET C 12 18.25 -19.95 4.04
N ASP C 13 19.08 -19.87 5.06
CA ASP C 13 19.23 -18.72 5.98
C ASP C 13 19.70 -17.51 5.15
N ILE C 14 18.90 -16.44 5.13
CA ILE C 14 19.27 -15.23 4.33
C ILE C 14 20.56 -14.65 4.92
N ALA C 15 20.89 -14.96 6.18
CA ALA C 15 22.12 -14.41 6.81
C ALA C 15 23.38 -15.00 6.15
N LYS C 16 23.20 -16.05 5.35
N LYS C 16 23.24 -16.08 5.38
CA LYS C 16 24.28 -16.79 4.67
CA LYS C 16 24.38 -16.71 4.67
C LYS C 16 24.17 -16.60 3.15
C LYS C 16 24.17 -16.60 3.16
N ASN C 17 23.47 -15.56 2.70
CA ASN C 17 23.28 -15.32 1.25
C ASN C 17 24.60 -15.11 0.47
N ASP C 18 24.51 -15.27 -0.83
CA ASP C 18 25.61 -15.13 -1.84
C ASP C 18 25.40 -13.91 -2.75
N GLU C 19 24.66 -12.90 -2.31
CA GLU C 19 24.37 -11.69 -3.09
C GLU C 19 25.12 -10.44 -2.55
N GLU C 20 25.06 -9.35 -3.32
CA GLU C 20 25.84 -8.09 -3.06
C GLU C 20 25.21 -7.23 -1.95
N CYS C 21 23.98 -7.51 -1.56
CA CYS C 21 23.27 -6.81 -0.47
C CYS C 21 22.12 -7.66 0.01
N VAL C 22 21.58 -7.30 1.15
CA VAL C 22 20.50 -8.07 1.82
C VAL C 22 19.36 -7.11 2.14
N VAL C 23 18.14 -7.60 1.98
CA VAL C 23 16.96 -6.88 2.52
C VAL C 23 16.63 -7.49 3.86
N ASN C 24 16.58 -6.65 4.91
CA ASN C 24 16.13 -7.07 6.24
C ASN C 24 14.60 -6.87 6.34
N ALA C 25 13.88 -7.81 6.96
CA ALA C 25 12.45 -7.64 7.30
C ALA C 25 12.44 -6.92 8.65
N ALA C 26 12.61 -5.61 8.60
CA ALA C 26 12.88 -4.68 9.71
C ALA C 26 11.59 -4.26 10.42
N ASN C 27 11.78 -3.65 11.59
CA ASN C 27 10.70 -3.10 12.42
C ASN C 27 11.00 -1.62 12.48
N PRO C 28 9.99 -0.74 12.70
CA PRO C 28 10.20 0.70 12.59
C PRO C 28 11.22 1.29 13.59
N ARG C 29 11.51 0.58 14.69
CA ARG C 29 12.41 1.08 15.78
C ARG C 29 13.88 0.75 15.47
N GLY C 30 14.14 -0.26 14.63
CA GLY C 30 15.50 -0.70 14.32
C GLY C 30 16.04 -1.65 15.38
N LEU C 31 15.14 -2.45 15.96
CA LEU C 31 15.41 -3.45 17.01
C LEU C 31 15.75 -4.81 16.41
N PRO C 32 16.56 -5.63 17.12
CA PRO C 32 16.92 -6.98 16.67
C PRO C 32 15.72 -7.82 16.20
N GLY C 33 14.57 -7.67 16.86
CA GLY C 33 13.31 -8.30 16.45
C GLY C 33 13.41 -9.80 16.48
N ASP C 34 12.68 -10.48 15.58
CA ASP C 34 12.57 -11.97 15.53
C ASP C 34 12.70 -12.42 14.09
N GLY C 35 12.82 -13.74 13.90
CA GLY C 35 12.79 -14.35 12.55
C GLY C 35 13.96 -13.85 11.72
N VAL C 36 13.70 -13.46 10.47
CA VAL C 36 14.71 -12.92 9.50
C VAL C 36 15.48 -11.77 10.15
N CYS C 37 14.78 -10.87 10.84
CA CYS C 37 15.35 -9.63 11.45
C CYS C 37 16.41 -9.97 12.51
N LYS C 38 16.18 -11.04 13.30
CA LYS C 38 17.15 -11.52 14.35
C LYS C 38 18.39 -12.15 13.68
N ALA C 39 18.20 -13.00 12.67
CA ALA C 39 19.29 -13.59 11.84
C ALA C 39 20.19 -12.47 11.26
N VAL C 40 19.57 -11.43 10.69
CA VAL C 40 20.28 -10.26 10.10
C VAL C 40 21.01 -9.52 11.23
N TYR C 41 20.37 -9.34 12.39
CA TYR C 41 20.95 -8.57 13.52
C TYR C 41 22.21 -9.29 13.99
N LYS C 42 22.19 -10.61 14.01
CA LYS C 42 23.31 -11.45 14.49
C LYS C 42 24.46 -11.39 13.45
N LYS C 43 24.15 -11.38 12.14
CA LYS C 43 25.20 -11.34 11.07
C LYS C 43 25.77 -9.93 10.89
N TRP C 44 24.93 -8.88 10.89
CA TRP C 44 25.35 -7.51 10.53
C TRP C 44 24.88 -6.52 11.59
N PRO C 45 25.28 -6.73 12.88
CA PRO C 45 24.81 -5.85 13.96
C PRO C 45 25.10 -4.36 13.74
N GLU C 46 26.26 -4.03 13.16
CA GLU C 46 26.67 -2.63 12.86
C GLU C 46 25.68 -1.92 11.92
N SER C 47 24.95 -2.68 11.09
CA SER C 47 23.89 -2.14 10.19
C SER C 47 22.68 -1.60 10.97
N PHE C 48 22.54 -1.89 12.28
CA PHE C 48 21.37 -1.44 13.11
C PHE C 48 21.57 -0.06 13.76
N LYS C 49 22.73 0.59 13.50
CA LYS C 49 23.02 1.98 13.93
C LYS C 49 22.10 2.94 13.16
N ASN C 50 21.14 3.55 13.86
CA ASN C 50 20.18 4.53 13.26
C ASN C 50 19.47 3.92 12.03
N SER C 51 19.07 2.65 12.14
CA SER C 51 18.31 1.91 11.10
C SER C 51 16.83 2.29 11.14
N ALA C 52 16.34 2.80 12.28
CA ALA C 52 14.92 3.15 12.47
C ALA C 52 14.38 3.83 11.21
N THR C 53 13.22 3.39 10.72
CA THR C 53 12.55 3.93 9.52
C THR C 53 11.06 3.56 9.61
N PRO C 54 10.14 4.41 9.10
CA PRO C 54 8.71 4.14 9.26
C PRO C 54 8.20 2.95 8.43
N VAL C 55 7.07 2.42 8.88
CA VAL C 55 6.28 1.43 8.07
C VAL C 55 6.14 1.98 6.65
N GLY C 56 6.33 1.09 5.66
CA GLY C 56 6.14 1.39 4.23
C GLY C 56 7.39 2.00 3.60
N THR C 57 8.51 2.02 4.33
CA THR C 57 9.78 2.63 3.83
C THR C 57 10.93 1.62 3.91
N ALA C 58 12.06 2.02 3.33
CA ALA C 58 13.31 1.23 3.47
C ALA C 58 14.47 2.19 3.70
N LYS C 59 15.40 1.76 4.58
CA LYS C 59 16.60 2.60 4.89
C LYS C 59 17.84 1.72 4.87
N THR C 60 18.84 2.07 4.06
CA THR C 60 20.08 1.28 3.90
C THR C 60 21.13 1.76 4.92
N VAL C 61 21.64 0.83 5.70
CA VAL C 61 22.86 1.03 6.53
C VAL C 61 23.92 -0.01 6.13
N MET C 62 25.15 0.47 5.95
CA MET C 62 26.31 -0.40 5.65
C MET C 62 26.76 -1.10 6.91
N CYS C 63 27.11 -2.37 6.78
CA CYS C 63 27.92 -3.13 7.73
C CYS C 63 29.29 -3.33 7.05
N GLY C 64 30.29 -2.52 7.43
CA GLY C 64 31.51 -2.36 6.59
C GLY C 64 31.15 -1.69 5.28
N THR C 65 31.28 -2.38 4.13
CA THR C 65 30.78 -1.91 2.81
C THR C 65 29.57 -2.75 2.31
N TYR C 66 29.10 -3.72 3.09
CA TYR C 66 27.99 -4.62 2.73
C TYR C 66 26.66 -3.96 3.08
N PRO C 67 25.82 -3.62 2.07
CA PRO C 67 24.59 -2.88 2.34
C PRO C 67 23.51 -3.78 2.94
N VAL C 68 22.90 -3.30 4.03
CA VAL C 68 21.70 -3.91 4.64
C VAL C 68 20.51 -2.95 4.45
N ILE C 69 19.52 -3.38 3.65
CA ILE C 69 18.35 -2.54 3.26
C ILE C 69 17.24 -2.90 4.25
N HIS C 70 17.02 -2.03 5.26
CA HIS C 70 16.02 -2.32 6.32
C HIS C 70 14.64 -1.92 5.77
N ALA C 71 13.81 -2.89 5.43
CA ALA C 71 12.51 -2.67 4.77
C ALA C 71 11.43 -3.00 5.81
N VAL C 72 10.59 -2.01 6.08
CA VAL C 72 9.54 -2.16 7.10
C VAL C 72 8.17 -2.40 6.43
N GLY C 73 7.75 -3.65 6.35
CA GLY C 73 6.38 -4.04 5.96
C GLY C 73 5.41 -3.79 7.10
N PRO C 74 4.10 -3.72 6.79
CA PRO C 74 3.11 -3.57 7.85
C PRO C 74 2.98 -4.85 8.66
N ASN C 75 2.65 -4.69 9.94
CA ASN C 75 2.23 -5.80 10.81
C ASN C 75 0.70 -5.98 10.71
N PHE C 76 0.22 -7.06 10.08
CA PHE C 76 -1.22 -7.22 9.77
C PHE C 76 -1.98 -7.62 11.03
N SER C 77 -1.31 -7.86 12.17
CA SER C 77 -1.99 -7.95 13.48
C SER C 77 -2.71 -6.63 13.80
N ASN C 78 -2.15 -5.51 13.33
CA ASN C 78 -2.41 -4.11 13.74
C ASN C 78 -2.82 -3.25 12.54
N TYR C 79 -2.94 -3.81 11.35
CA TYR C 79 -3.29 -3.09 10.10
C TYR C 79 -4.51 -3.80 9.49
N THR C 80 -5.45 -3.05 8.96
CA THR C 80 -6.57 -3.63 8.17
C THR C 80 -5.98 -4.26 6.89
N GLU C 81 -6.73 -5.12 6.24
CA GLU C 81 -6.33 -5.64 4.89
C GLU C 81 -6.08 -4.50 3.92
N SER C 82 -6.97 -3.52 3.86
CA SER C 82 -6.88 -2.41 2.88
C SER C 82 -5.62 -1.58 3.16
N GLU C 83 -5.44 -1.08 4.40
CA GLU C 83 -4.32 -0.17 4.69
C GLU C 83 -2.99 -0.95 4.61
N GLY C 84 -3.00 -2.18 5.06
CA GLY C 84 -1.76 -3.00 5.07
C GLY C 84 -1.35 -3.32 3.65
N ASP C 85 -2.30 -3.55 2.74
CA ASP C 85 -1.94 -3.86 1.34
C ASP C 85 -1.19 -2.68 0.74
N ARG C 86 -1.60 -1.46 1.04
CA ARG C 86 -0.90 -0.30 0.47
C ARG C 86 0.50 -0.16 1.08
N GLU C 87 0.66 -0.38 2.37
CA GLU C 87 2.00 -0.18 3.00
C GLU C 87 2.96 -1.28 2.51
N LEU C 88 2.44 -2.49 2.27
CA LEU C 88 3.30 -3.64 1.83
C LEU C 88 3.83 -3.30 0.45
N ALA C 89 2.94 -2.83 -0.46
CA ALA C 89 3.36 -2.39 -1.80
C ALA C 89 4.45 -1.31 -1.70
N ALA C 90 4.27 -0.32 -0.81
CA ALA C 90 5.17 0.84 -0.69
C ALA C 90 6.53 0.39 -0.16
N ALA C 91 6.58 -0.56 0.78
CA ALA C 91 7.85 -1.07 1.35
C ALA C 91 8.68 -1.67 0.22
N TYR C 92 8.04 -2.45 -0.64
CA TYR C 92 8.74 -3.07 -1.80
C TYR C 92 9.21 -2.02 -2.79
N ARG C 93 8.40 -1.00 -3.08
N ARG C 93 8.40 -1.00 -3.07
CA ARG C 93 8.82 0.08 -4.01
CA ARG C 93 8.82 0.08 -4.01
C ARG C 93 10.09 0.75 -3.46
C ARG C 93 10.09 0.76 -3.46
N GLU C 94 10.17 0.95 -2.14
CA GLU C 94 11.34 1.62 -1.53
C GLU C 94 12.54 0.67 -1.61
N VAL C 95 12.33 -0.66 -1.57
CA VAL C 95 13.46 -1.63 -1.72
C VAL C 95 14.00 -1.50 -3.14
N ALA C 96 13.13 -1.42 -4.15
CA ALA C 96 13.56 -1.28 -5.55
C ALA C 96 14.38 0.00 -5.72
N LYS C 97 13.93 1.12 -5.12
CA LYS C 97 14.70 2.38 -5.20
C LYS C 97 16.09 2.20 -4.55
N GLU C 98 16.15 1.58 -3.39
CA GLU C 98 17.45 1.44 -2.65
C GLU C 98 18.38 0.50 -3.42
N VAL C 99 17.85 -0.60 -3.96
CA VAL C 99 18.72 -1.51 -4.79
C VAL C 99 19.27 -0.71 -5.98
N THR C 100 18.44 0.09 -6.67
CA THR C 100 18.83 0.88 -7.86
C THR C 100 19.93 1.89 -7.46
N ARG C 101 19.67 2.63 -6.41
CA ARG C 101 20.62 3.65 -5.87
C ARG C 101 21.98 3.00 -5.58
N LEU C 102 22.00 1.81 -5.00
CA LEU C 102 23.29 1.17 -4.58
C LEU C 102 24.08 0.68 -5.82
N GLY C 103 23.45 0.49 -6.97
CA GLY C 103 24.15 0.03 -8.17
C GLY C 103 24.55 -1.44 -8.11
N VAL C 104 24.04 -2.22 -7.16
CA VAL C 104 24.30 -3.71 -6.99
C VAL C 104 23.78 -4.51 -8.20
N ASN C 105 24.43 -5.65 -8.52
CA ASN C 105 24.01 -6.60 -9.58
C ASN C 105 23.14 -7.72 -8.98
N SER C 106 22.99 -7.76 -7.67
CA SER C 106 22.18 -8.80 -7.00
C SER C 106 21.74 -8.37 -5.63
N VAL C 107 20.66 -8.99 -5.17
CA VAL C 107 20.05 -8.73 -3.85
C VAL C 107 19.36 -9.99 -3.33
N ALA C 108 19.54 -10.24 -2.02
CA ALA C 108 18.87 -11.28 -1.25
C ALA C 108 17.66 -10.65 -0.58
N ILE C 109 16.47 -11.20 -0.80
N ILE C 109 16.47 -11.22 -0.74
CA ILE C 109 15.19 -10.62 -0.29
CA ILE C 109 15.21 -10.59 -0.26
C ILE C 109 14.38 -11.71 0.41
C ILE C 109 14.31 -11.65 0.36
N PRO C 110 13.73 -11.39 1.56
CA PRO C 110 12.71 -12.25 2.14
C PRO C 110 11.32 -11.77 1.73
N LEU C 111 10.29 -12.59 1.91
CA LEU C 111 8.91 -12.09 1.62
C LEU C 111 8.42 -11.30 2.86
N LEU C 112 8.29 -10.01 2.69
CA LEU C 112 7.86 -9.10 3.78
C LEU C 112 6.44 -9.47 4.25
N SER C 113 6.20 -9.30 5.54
CA SER C 113 4.88 -9.44 6.20
C SER C 113 4.35 -10.87 6.10
N THR C 114 5.21 -11.91 6.04
CA THR C 114 4.73 -13.31 5.89
C THR C 114 4.95 -14.13 7.16
N GLY C 115 5.68 -13.62 8.16
CA GLY C 115 5.93 -14.37 9.41
C GLY C 115 5.15 -13.75 10.55
N VAL C 116 5.84 -13.17 11.54
CA VAL C 116 5.16 -12.61 12.74
C VAL C 116 4.31 -11.38 12.33
N TYR C 117 4.61 -10.74 11.19
CA TYR C 117 3.82 -9.56 10.70
C TYR C 117 2.66 -10.05 9.82
N SER C 118 2.44 -11.35 9.67
CA SER C 118 1.35 -11.89 8.80
C SER C 118 -0.04 -11.75 9.42
N GLY C 119 -0.16 -11.48 10.73
CA GLY C 119 -1.46 -11.53 11.44
C GLY C 119 -2.10 -12.90 11.39
N GLY C 120 -1.33 -13.95 11.18
CA GLY C 120 -1.80 -15.35 11.17
C GLY C 120 -2.39 -15.80 9.85
N LYS C 121 -2.21 -15.06 8.75
CA LYS C 121 -2.77 -15.38 7.43
C LYS C 121 -1.63 -15.84 6.50
N ASP C 122 -1.93 -16.70 5.54
CA ASP C 122 -0.98 -17.10 4.48
C ASP C 122 -0.89 -15.92 3.50
N ARG C 123 0.26 -15.26 3.42
CA ARG C 123 0.44 -14.06 2.54
C ARG C 123 1.54 -14.32 1.48
N LEU C 124 1.80 -15.58 1.11
CA LEU C 124 2.83 -15.86 0.07
C LEU C 124 2.53 -15.12 -1.24
N THR C 125 1.35 -15.36 -1.84
CA THR C 125 0.97 -14.79 -3.14
C THR C 125 0.91 -13.28 -3.02
N GLN C 126 0.27 -12.76 -1.97
CA GLN C 126 0.17 -11.30 -1.77
C GLN C 126 1.58 -10.69 -1.75
N SER C 127 2.44 -11.17 -0.86
CA SER C 127 3.79 -10.58 -0.67
C SER C 127 4.59 -10.72 -1.96
N LEU C 128 4.55 -11.91 -2.60
CA LEU C 128 5.34 -12.17 -3.82
C LEU C 128 4.85 -11.31 -4.97
N ASN C 129 3.53 -11.10 -5.11
CA ASN C 129 2.97 -10.19 -6.16
C ASN C 129 3.52 -8.77 -5.97
N HIS C 130 3.53 -8.23 -4.74
CA HIS C 130 4.09 -6.89 -4.47
C HIS C 130 5.59 -6.86 -4.78
N LEU C 131 6.30 -7.94 -4.48
CA LEU C 131 7.74 -8.05 -4.78
C LEU C 131 7.99 -7.88 -6.28
N PHE C 132 7.29 -8.67 -7.10
CA PHE C 132 7.44 -8.62 -8.58
C PHE C 132 7.04 -7.25 -9.10
N THR C 133 5.94 -6.65 -8.59
CA THR C 133 5.47 -5.33 -9.05
C THR C 133 6.60 -4.29 -8.89
N ALA C 134 7.31 -4.35 -7.75
CA ALA C 134 8.42 -3.39 -7.48
C ALA C 134 9.71 -3.79 -8.21
N MET C 135 10.03 -5.08 -8.27
CA MET C 135 11.40 -5.49 -8.70
C MET C 135 11.48 -5.78 -10.20
N ASP C 136 10.35 -5.91 -10.89
CA ASP C 136 10.40 -6.32 -12.31
C ASP C 136 11.15 -5.26 -13.12
N SER C 137 11.07 -3.95 -12.76
CA SER C 137 11.71 -2.88 -13.56
C SER C 137 13.19 -2.69 -13.17
N THR C 138 13.73 -3.45 -12.22
CA THR C 138 15.16 -3.45 -11.83
C THR C 138 15.93 -4.48 -12.65
N ASP C 139 17.25 -4.28 -12.77
CA ASP C 139 18.15 -5.20 -13.54
C ASP C 139 19.04 -6.02 -12.60
N ALA C 140 18.76 -6.05 -11.31
CA ALA C 140 19.52 -6.84 -10.33
C ALA C 140 19.06 -8.28 -10.37
N ASP C 141 19.96 -9.24 -10.24
CA ASP C 141 19.52 -10.62 -9.94
C ASP C 141 18.86 -10.63 -8.57
N VAL C 142 17.62 -11.10 -8.48
CA VAL C 142 16.86 -11.18 -7.20
C VAL C 142 16.83 -12.63 -6.75
N VAL C 143 17.25 -12.88 -5.52
CA VAL C 143 17.22 -14.22 -4.89
C VAL C 143 16.32 -14.13 -3.67
N ILE C 144 15.23 -14.87 -3.70
CA ILE C 144 14.24 -14.90 -2.58
C ILE C 144 14.63 -16.03 -1.65
N TYR C 145 14.69 -15.73 -0.36
CA TYR C 145 15.05 -16.71 0.70
C TYR C 145 13.82 -17.07 1.51
N CYS C 146 13.58 -18.36 1.67
CA CYS C 146 12.48 -18.87 2.52
C CYS C 146 13.03 -20.01 3.40
N ARG C 147 12.16 -20.51 4.28
CA ARG C 147 12.45 -21.58 5.27
C ARG C 147 11.63 -22.82 4.93
N ASP C 148 10.37 -22.64 4.56
CA ASP C 148 9.39 -23.74 4.40
C ASP C 148 9.56 -24.42 3.05
N LYS C 149 9.54 -25.76 3.02
CA LYS C 149 9.63 -26.51 1.73
C LYS C 149 8.39 -26.31 0.85
N GLU C 150 7.19 -26.26 1.42
CA GLU C 150 5.97 -26.00 0.59
C GLU C 150 6.04 -24.59 -0.04
N TRP C 151 6.53 -23.60 0.70
CA TRP C 151 6.72 -22.21 0.21
C TRP C 151 7.79 -22.19 -0.90
N GLU C 152 8.90 -22.87 -0.73
CA GLU C 152 9.92 -22.95 -1.80
C GLU C 152 9.29 -23.39 -3.14
N LYS C 153 8.48 -24.46 -3.10
CA LYS C 153 7.82 -25.05 -4.29
C LYS C 153 6.90 -24.01 -4.95
N LYS C 154 6.02 -23.39 -4.15
CA LYS C 154 5.03 -22.39 -4.63
C LYS C 154 5.73 -21.15 -5.17
N ILE C 155 6.78 -20.65 -4.52
CA ILE C 155 7.53 -19.48 -5.07
C ILE C 155 8.20 -19.88 -6.41
N SER C 156 8.84 -21.05 -6.43
CA SER C 156 9.53 -21.57 -7.64
C SER C 156 8.52 -21.66 -8.77
N GLU C 157 7.33 -22.19 -8.53
CA GLU C 157 6.26 -22.31 -9.56
C GLU C 157 5.89 -20.94 -10.11
N ALA C 158 5.62 -19.99 -9.22
CA ALA C 158 5.28 -18.60 -9.57
C ALA C 158 6.36 -17.96 -10.44
N ILE C 159 7.65 -18.16 -10.14
CA ILE C 159 8.77 -17.59 -10.94
C ILE C 159 8.74 -18.27 -12.33
N GLN C 160 8.62 -19.59 -12.36
CA GLN C 160 8.65 -20.35 -13.64
C GLN C 160 7.48 -19.99 -14.57
N MET C 161 6.31 -19.72 -13.99
CA MET C 161 5.02 -19.42 -14.68
C MET C 161 5.17 -18.25 -15.66
N ARG C 162 6.13 -17.34 -15.42
CA ARG C 162 6.28 -16.05 -16.16
C ARG C 162 7.43 -16.16 -17.18
N THR C 163 8.14 -17.29 -17.21
CA THR C 163 9.21 -17.61 -18.19
C THR C 163 8.64 -18.55 -19.25
N PRO D 5 19.19 11.28 -41.26
CA PRO D 5 18.26 10.26 -40.75
C PRO D 5 16.84 10.80 -40.54
N SER D 6 16.22 11.34 -41.59
N SER D 6 16.22 11.35 -41.59
CA SER D 6 14.81 11.84 -41.62
CA SER D 6 14.84 11.91 -41.59
C SER D 6 14.09 11.44 -40.33
C SER D 6 14.08 11.45 -40.35
N TYR D 7 13.17 12.29 -39.85
CA TYR D 7 12.27 11.99 -38.71
C TYR D 7 10.84 12.27 -39.09
N ARG D 8 9.93 11.37 -38.71
CA ARG D 8 8.46 11.50 -38.84
C ARG D 8 7.83 11.01 -37.53
N VAL D 9 6.55 11.35 -37.31
CA VAL D 9 5.77 10.84 -36.15
C VAL D 9 4.45 10.29 -36.68
N LYS D 10 3.96 9.22 -36.05
CA LYS D 10 2.65 8.62 -36.36
C LYS D 10 1.94 8.39 -35.03
N ARG D 11 0.66 8.74 -34.99
CA ARG D 11 -0.22 8.42 -33.85
C ARG D 11 -0.86 7.09 -34.20
N MET D 12 -0.16 5.99 -33.92
CA MET D 12 -0.71 4.65 -34.21
C MET D 12 0.12 3.61 -33.46
N ASP D 13 -0.45 2.41 -33.35
CA ASP D 13 0.18 1.26 -32.64
C ASP D 13 1.51 0.91 -33.35
N ILE D 14 2.62 0.94 -32.62
CA ILE D 14 3.96 0.59 -33.20
C ILE D 14 3.98 -0.88 -33.63
N ALA D 15 3.07 -1.71 -33.10
CA ALA D 15 2.94 -3.14 -33.50
C ALA D 15 2.45 -3.23 -34.96
N LYS D 16 1.99 -2.12 -35.56
CA LYS D 16 1.56 -2.07 -36.98
C LYS D 16 2.44 -1.11 -37.81
N ASN D 17 3.70 -0.95 -37.44
CA ASN D 17 4.60 -0.01 -38.13
C ASN D 17 4.87 -0.47 -39.57
N ASP D 18 5.37 0.45 -40.38
CA ASP D 18 5.69 0.21 -41.81
C ASP D 18 7.21 0.31 -42.00
N GLU D 19 7.99 0.04 -40.97
CA GLU D 19 9.46 0.19 -41.08
C GLU D 19 10.15 -1.19 -41.05
N GLU D 20 11.44 -1.23 -41.34
CA GLU D 20 12.23 -2.49 -41.47
C GLU D 20 12.59 -3.13 -40.13
N CYS D 21 12.44 -2.43 -39.00
CA CYS D 21 12.68 -3.01 -37.67
C CYS D 21 11.95 -2.17 -36.63
N VAL D 22 11.84 -2.68 -35.42
CA VAL D 22 11.08 -2.02 -34.33
C VAL D 22 11.98 -1.97 -33.09
N VAL D 23 11.83 -0.90 -32.33
CA VAL D 23 12.41 -0.77 -30.96
C VAL D 23 11.31 -1.01 -29.94
N ASN D 24 11.52 -2.00 -29.10
CA ASN D 24 10.65 -2.30 -27.95
C ASN D 24 11.04 -1.41 -26.79
N ALA D 25 10.06 -0.80 -26.12
CA ALA D 25 10.28 -0.18 -24.77
C ALA D 25 10.23 -1.30 -23.73
N ALA D 26 11.35 -2.01 -23.59
CA ALA D 26 11.46 -3.30 -22.92
C ALA D 26 11.65 -3.12 -21.41
N ASN D 27 11.37 -4.16 -20.65
CA ASN D 27 11.80 -4.26 -19.25
C ASN D 27 13.07 -5.11 -19.19
N PRO D 28 13.87 -5.02 -18.10
CA PRO D 28 15.17 -5.69 -18.10
C PRO D 28 15.06 -7.23 -18.10
N ARG D 29 13.89 -7.76 -17.72
CA ARG D 29 13.69 -9.20 -17.49
C ARG D 29 13.17 -9.92 -18.74
N GLY D 30 12.84 -9.21 -19.82
CA GLY D 30 12.23 -9.81 -21.01
C GLY D 30 10.83 -10.31 -20.73
N LEU D 31 10.10 -9.70 -19.79
CA LEU D 31 8.69 -10.05 -19.48
C LEU D 31 7.78 -9.38 -20.50
N PRO D 32 6.56 -9.93 -20.72
CA PRO D 32 5.56 -9.33 -21.60
C PRO D 32 5.20 -7.87 -21.28
N GLY D 33 5.17 -7.53 -19.99
CA GLY D 33 5.02 -6.12 -19.56
C GLY D 33 3.66 -5.54 -19.87
N ASP D 34 3.61 -4.22 -20.07
CA ASP D 34 2.38 -3.46 -20.41
C ASP D 34 2.72 -2.38 -21.45
N GLY D 35 1.71 -1.69 -21.96
CA GLY D 35 1.89 -0.59 -22.92
C GLY D 35 2.51 -1.12 -24.20
N VAL D 36 3.44 -0.33 -24.76
CA VAL D 36 4.25 -0.70 -25.96
C VAL D 36 4.76 -2.15 -25.83
N CYS D 37 5.34 -2.54 -24.69
CA CYS D 37 6.01 -3.84 -24.48
C CYS D 37 4.96 -4.94 -24.67
N LYS D 38 3.75 -4.74 -24.13
CA LYS D 38 2.68 -5.78 -24.25
C LYS D 38 2.27 -5.92 -25.71
N ALA D 39 2.20 -4.82 -26.46
CA ALA D 39 1.76 -4.85 -27.88
C ALA D 39 2.83 -5.57 -28.73
N VAL D 40 4.09 -5.31 -28.42
CA VAL D 40 5.27 -5.92 -29.09
C VAL D 40 5.22 -7.42 -28.76
N TYR D 41 4.92 -7.77 -27.49
CA TYR D 41 4.84 -9.19 -27.08
C TYR D 41 3.76 -9.96 -27.87
N LYS D 42 2.59 -9.33 -28.08
CA LYS D 42 1.45 -9.96 -28.81
C LYS D 42 1.81 -10.12 -30.29
N LYS D 43 2.55 -9.18 -30.86
CA LYS D 43 2.87 -9.14 -32.32
C LYS D 43 4.09 -10.00 -32.63
N TRP D 44 5.12 -9.98 -31.78
CA TRP D 44 6.42 -10.65 -32.06
C TRP D 44 6.87 -11.45 -30.84
N PRO D 45 6.06 -12.40 -30.32
CA PRO D 45 6.42 -13.10 -29.08
C PRO D 45 7.73 -13.89 -29.19
N GLU D 46 8.07 -14.42 -30.39
CA GLU D 46 9.32 -15.20 -30.59
C GLU D 46 10.53 -14.31 -30.28
N SER D 47 10.39 -12.98 -30.39
CA SER D 47 11.54 -12.06 -30.16
C SER D 47 11.84 -11.91 -28.66
N PHE D 48 11.07 -12.52 -27.76
CA PHE D 48 11.37 -12.46 -26.31
C PHE D 48 12.21 -13.66 -25.82
N LYS D 49 12.71 -14.50 -26.75
CA LYS D 49 13.68 -15.55 -26.39
C LYS D 49 15.03 -14.92 -25.99
N ASN D 50 15.40 -15.02 -24.72
CA ASN D 50 16.67 -14.47 -24.19
C ASN D 50 16.75 -12.98 -24.57
N SER D 51 15.70 -12.21 -24.37
CA SER D 51 15.69 -10.74 -24.59
C SER D 51 16.08 -9.95 -23.33
N ALA D 52 16.17 -10.58 -22.16
CA ALA D 52 16.55 -9.92 -20.89
C ALA D 52 17.91 -9.24 -21.11
N THR D 53 18.04 -8.00 -20.60
CA THR D 53 19.25 -7.17 -20.82
C THR D 53 19.16 -6.03 -19.82
N PRO D 54 20.30 -5.50 -19.35
CA PRO D 54 20.27 -4.50 -18.29
C PRO D 54 19.69 -3.15 -18.76
N VAL D 55 19.35 -2.34 -17.77
CA VAL D 55 19.03 -0.90 -17.99
C VAL D 55 20.14 -0.21 -18.76
N GLY D 56 19.77 0.62 -19.73
CA GLY D 56 20.70 1.42 -20.54
C GLY D 56 21.26 0.64 -21.69
N THR D 57 20.76 -0.56 -21.98
CA THR D 57 21.29 -1.43 -23.06
C THR D 57 20.19 -1.73 -24.07
N ALA D 58 20.60 -2.24 -25.24
CA ALA D 58 19.64 -2.70 -26.27
C ALA D 58 20.07 -4.11 -26.69
N LYS D 59 19.12 -4.99 -26.94
CA LYS D 59 19.44 -6.37 -27.37
C LYS D 59 18.48 -6.73 -28.48
N THR D 60 19.02 -7.08 -29.63
CA THR D 60 18.23 -7.36 -30.85
C THR D 60 17.96 -8.86 -30.92
N VAL D 61 16.69 -9.22 -31.00
CA VAL D 61 16.23 -10.62 -31.24
C VAL D 61 15.33 -10.64 -32.47
N MET D 62 15.59 -11.55 -33.41
CA MET D 62 14.78 -11.70 -34.65
C MET D 62 13.47 -12.41 -34.34
N CYS D 63 12.39 -11.95 -34.96
CA CYS D 63 11.12 -12.68 -35.07
C CYS D 63 10.99 -13.03 -36.56
N GLY D 64 11.31 -14.27 -36.90
CA GLY D 64 11.56 -14.61 -38.32
C GLY D 64 12.80 -13.88 -38.78
N THR D 65 12.70 -12.93 -39.73
CA THR D 65 13.83 -12.10 -40.18
C THR D 65 13.61 -10.63 -39.76
N TYR D 66 12.59 -10.36 -38.97
CA TYR D 66 12.20 -8.99 -38.56
C TYR D 66 12.89 -8.67 -37.22
N PRO D 67 13.81 -7.67 -37.17
CA PRO D 67 14.55 -7.41 -35.94
C PRO D 67 13.69 -6.62 -34.93
N VAL D 68 13.68 -7.09 -33.70
CA VAL D 68 13.06 -6.39 -32.55
C VAL D 68 14.24 -5.96 -31.66
N ILE D 69 14.46 -4.65 -31.57
CA ILE D 69 15.57 -4.09 -30.77
C ILE D 69 14.99 -3.82 -29.39
N HIS D 70 15.25 -4.68 -28.40
CA HIS D 70 14.71 -4.47 -27.04
C HIS D 70 15.58 -3.43 -26.33
N ALA D 71 15.06 -2.22 -26.11
CA ALA D 71 15.82 -1.13 -25.44
C ALA D 71 15.24 -0.88 -24.05
N VAL D 72 16.08 -0.93 -23.02
CA VAL D 72 15.62 -0.86 -21.61
C VAL D 72 15.92 0.55 -21.06
N GLY D 73 14.94 1.42 -21.14
CA GLY D 73 15.01 2.75 -20.51
C GLY D 73 14.90 2.59 -19.01
N PRO D 74 15.40 3.56 -18.22
CA PRO D 74 15.27 3.49 -16.79
C PRO D 74 13.85 3.78 -16.32
N ASN D 75 13.46 3.12 -15.25
CA ASN D 75 12.23 3.44 -14.49
C ASN D 75 12.54 4.58 -13.50
N PHE D 76 12.04 5.78 -13.80
CA PHE D 76 12.33 6.99 -12.97
C PHE D 76 11.62 6.86 -11.60
N SER D 77 10.74 5.89 -11.38
CA SER D 77 10.34 5.56 -10.00
C SER D 77 11.54 5.07 -9.17
N ASN D 78 12.54 4.45 -9.81
CA ASN D 78 13.65 3.77 -9.11
C ASN D 78 14.92 4.61 -9.13
N TYR D 79 15.17 5.32 -10.25
CA TYR D 79 16.40 6.08 -10.50
C TYR D 79 16.19 7.53 -10.04
N THR D 80 17.26 8.16 -9.58
CA THR D 80 17.32 9.65 -9.49
C THR D 80 17.21 10.30 -10.85
N GLU D 81 16.78 11.58 -10.88
CA GLU D 81 16.84 12.32 -12.15
C GLU D 81 18.22 12.23 -12.79
N SER D 82 19.30 12.40 -12.01
CA SER D 82 20.67 12.47 -12.55
C SER D 82 21.06 11.10 -13.16
N GLU D 83 20.94 10.03 -12.39
CA GLU D 83 21.39 8.68 -12.86
C GLU D 83 20.44 8.20 -14.00
N GLY D 84 19.14 8.45 -13.91
CA GLY D 84 18.16 8.10 -14.95
C GLY D 84 18.45 8.79 -16.25
N ASP D 85 18.78 10.08 -16.21
CA ASP D 85 19.10 10.82 -17.44
C ASP D 85 20.24 10.12 -18.17
N ARG D 86 21.26 9.68 -17.44
CA ARG D 86 22.44 9.02 -18.03
C ARG D 86 22.00 7.70 -18.69
N GLU D 87 21.13 6.94 -18.03
CA GLU D 87 20.75 5.56 -18.52
C GLU D 87 19.79 5.72 -19.70
N LEU D 88 19.00 6.80 -19.74
CA LEU D 88 18.09 7.04 -20.87
C LEU D 88 18.91 7.40 -22.11
N ALA D 89 19.91 8.28 -21.96
CA ALA D 89 20.89 8.60 -23.03
C ALA D 89 21.54 7.30 -23.55
N ALA D 90 21.99 6.45 -22.64
CA ALA D 90 22.70 5.18 -22.94
C ALA D 90 21.79 4.23 -23.75
N ALA D 91 20.55 4.04 -23.33
CA ALA D 91 19.61 3.14 -24.05
C ALA D 91 19.48 3.57 -25.52
N TYR D 92 19.24 4.86 -25.78
CA TYR D 92 19.14 5.36 -27.16
C TYR D 92 20.45 5.23 -27.94
N ARG D 93 21.59 5.49 -27.28
CA ARG D 93 22.94 5.27 -27.88
C ARG D 93 23.04 3.83 -28.39
N GLU D 94 22.67 2.86 -27.55
CA GLU D 94 22.77 1.42 -27.89
C GLU D 94 21.77 1.07 -29.02
N VAL D 95 20.59 1.72 -29.07
CA VAL D 95 19.61 1.57 -30.20
C VAL D 95 20.29 2.00 -31.49
N ALA D 96 20.90 3.18 -31.49
CA ALA D 96 21.54 3.75 -32.71
C ALA D 96 22.57 2.75 -33.24
N LYS D 97 23.40 2.19 -32.36
CA LYS D 97 24.50 1.26 -32.71
C LYS D 97 23.92 -0.02 -33.33
N GLU D 98 22.78 -0.51 -32.83
CA GLU D 98 22.08 -1.69 -33.41
C GLU D 98 21.48 -1.35 -34.79
N VAL D 99 20.86 -0.19 -34.94
CA VAL D 99 20.25 0.26 -36.23
C VAL D 99 21.37 0.30 -37.30
N THR D 100 22.53 0.88 -36.98
CA THR D 100 23.68 1.00 -37.91
C THR D 100 24.15 -0.42 -38.26
N ARG D 101 24.44 -1.24 -37.24
CA ARG D 101 24.96 -2.63 -37.38
C ARG D 101 24.02 -3.48 -38.25
N LEU D 102 22.70 -3.33 -38.09
CA LEU D 102 21.70 -4.10 -38.86
C LEU D 102 21.66 -3.65 -40.31
N GLY D 103 22.07 -2.42 -40.61
CA GLY D 103 22.09 -1.87 -41.99
C GLY D 103 20.71 -1.58 -42.52
N VAL D 104 19.72 -1.44 -41.64
CA VAL D 104 18.33 -1.16 -42.06
C VAL D 104 18.24 0.24 -42.70
N ASN D 105 17.20 0.44 -43.49
CA ASN D 105 16.83 1.73 -44.08
C ASN D 105 15.88 2.55 -43.19
N SER D 106 15.16 1.89 -42.29
CA SER D 106 14.08 2.52 -41.48
C SER D 106 13.91 1.78 -40.14
N VAL D 107 13.40 2.50 -39.14
CA VAL D 107 13.20 1.99 -37.77
C VAL D 107 12.02 2.74 -37.17
N ALA D 108 11.11 1.97 -36.57
CA ALA D 108 9.96 2.38 -35.77
C ALA D 108 10.48 2.46 -34.32
N ILE D 109 10.23 3.58 -33.64
N ILE D 109 10.33 3.62 -33.67
CA ILE D 109 10.81 3.84 -32.29
CA ILE D 109 10.82 3.85 -32.28
C ILE D 109 9.79 4.56 -31.41
C ILE D 109 9.72 4.50 -31.44
N PRO D 110 9.56 4.10 -30.17
CA PRO D 110 8.73 4.82 -29.21
C PRO D 110 9.57 5.76 -28.35
N LEU D 111 8.93 6.62 -27.56
CA LEU D 111 9.65 7.47 -26.59
C LEU D 111 9.84 6.68 -25.28
N LEU D 112 11.08 6.24 -25.09
CA LEU D 112 11.51 5.44 -23.94
C LEU D 112 11.27 6.26 -22.67
N SER D 113 10.82 5.59 -21.64
CA SER D 113 10.66 6.10 -20.25
C SER D 113 9.60 7.20 -20.18
N THR D 114 8.62 7.26 -21.11
CA THR D 114 7.54 8.32 -21.09
C THR D 114 6.20 7.80 -20.60
N GLY D 115 6.03 6.48 -20.42
CA GLY D 115 4.82 5.84 -19.88
C GLY D 115 5.00 5.39 -18.44
N VAL D 116 4.81 4.11 -18.15
CA VAL D 116 4.85 3.61 -16.74
C VAL D 116 6.26 3.75 -16.14
N TYR D 117 7.32 4.03 -16.93
CA TYR D 117 8.70 4.28 -16.40
C TYR D 117 8.97 5.78 -16.20
N SER D 118 7.96 6.65 -16.36
CA SER D 118 8.14 8.14 -16.32
C SER D 118 8.22 8.65 -14.89
N GLY D 119 7.88 7.85 -13.88
CA GLY D 119 7.86 8.30 -12.47
C GLY D 119 6.80 9.38 -12.27
N GLY D 120 5.74 9.36 -13.11
CA GLY D 120 4.58 10.29 -13.06
C GLY D 120 4.86 11.68 -13.65
N LYS D 121 6.00 11.83 -14.33
CA LYS D 121 6.48 13.13 -14.88
C LYS D 121 6.32 13.11 -16.41
N ASP D 122 6.04 14.27 -17.00
CA ASP D 122 6.03 14.46 -18.47
C ASP D 122 7.48 14.51 -18.94
N ARG D 123 7.91 13.48 -19.68
CA ARG D 123 9.29 13.35 -20.22
C ARG D 123 9.32 13.36 -21.75
N LEU D 124 8.31 13.92 -22.42
CA LEU D 124 8.31 14.08 -23.88
C LEU D 124 9.60 14.75 -24.34
N THR D 125 9.90 16.00 -23.92
CA THR D 125 11.08 16.76 -24.41
C THR D 125 12.38 15.99 -24.08
N GLN D 126 12.52 15.52 -22.86
CA GLN D 126 13.73 14.81 -22.36
C GLN D 126 14.00 13.56 -23.22
N SER D 127 12.98 12.72 -23.38
CA SER D 127 13.14 11.44 -24.15
C SER D 127 13.39 11.73 -25.64
N LEU D 128 12.65 12.67 -26.24
CA LEU D 128 12.86 13.09 -27.64
C LEU D 128 14.24 13.68 -27.83
N ASN D 129 14.79 14.46 -26.89
CA ASN D 129 16.13 15.05 -27.07
C ASN D 129 17.22 13.96 -27.11
N HIS D 130 17.12 12.96 -26.25
CA HIS D 130 18.06 11.81 -26.25
C HIS D 130 17.92 10.97 -27.53
N LEU D 131 16.70 10.79 -28.04
CA LEU D 131 16.41 10.10 -29.33
C LEU D 131 17.17 10.82 -30.46
N PHE D 132 17.00 12.14 -30.59
CA PHE D 132 17.61 12.91 -31.72
C PHE D 132 19.13 12.80 -31.60
N THR D 133 19.67 13.00 -30.39
CA THR D 133 21.14 12.97 -30.18
C THR D 133 21.71 11.64 -30.69
N ALA D 134 21.09 10.53 -30.31
CA ALA D 134 21.59 9.20 -30.69
C ALA D 134 21.37 8.94 -32.19
N MET D 135 20.16 9.20 -32.66
CA MET D 135 19.70 8.72 -33.98
C MET D 135 20.30 9.63 -35.06
N ASP D 136 20.72 10.86 -34.71
CA ASP D 136 21.38 11.75 -35.70
C ASP D 136 22.62 11.08 -36.26
N SER D 137 23.19 10.11 -35.52
CA SER D 137 24.45 9.42 -35.95
C SER D 137 24.18 8.30 -36.96
N THR D 138 22.92 7.95 -37.24
CA THR D 138 22.55 6.87 -38.19
C THR D 138 22.22 7.46 -39.56
N ASP D 139 22.13 6.62 -40.59
CA ASP D 139 21.71 7.03 -41.96
C ASP D 139 20.37 6.36 -42.29
N ALA D 140 19.53 6.12 -41.26
CA ALA D 140 18.21 5.47 -41.37
C ALA D 140 17.09 6.51 -41.25
N ASP D 141 15.96 6.26 -41.92
CA ASP D 141 14.68 6.96 -41.71
C ASP D 141 14.13 6.53 -40.34
N VAL D 142 13.73 7.50 -39.50
CA VAL D 142 13.23 7.24 -38.13
C VAL D 142 11.77 7.66 -38.08
N VAL D 143 10.92 6.73 -37.67
CA VAL D 143 9.48 6.99 -37.50
C VAL D 143 9.12 6.77 -36.03
N ILE D 144 8.71 7.85 -35.36
CA ILE D 144 8.36 7.85 -33.92
C ILE D 144 6.88 7.53 -33.79
N TYR D 145 6.53 6.61 -32.91
CA TYR D 145 5.14 6.16 -32.68
C TYR D 145 4.67 6.69 -31.32
N CYS D 146 3.49 7.33 -31.26
CA CYS D 146 2.83 7.81 -30.02
C CYS D 146 1.33 7.49 -30.10
N ARG D 147 0.62 7.67 -28.99
CA ARG D 147 -0.81 7.29 -28.82
C ARG D 147 -1.68 8.55 -28.66
N ASP D 148 -1.07 9.66 -28.25
CA ASP D 148 -1.79 10.89 -27.80
C ASP D 148 -1.65 12.02 -28.82
N LYS D 149 -2.76 12.71 -29.17
CA LYS D 149 -2.78 13.78 -30.23
C LYS D 149 -1.96 14.98 -29.79
N GLU D 150 -2.09 15.37 -28.52
CA GLU D 150 -1.27 16.45 -27.94
C GLU D 150 0.19 16.04 -28.09
N TRP D 151 0.54 14.79 -27.74
CA TRP D 151 1.93 14.27 -27.88
C TRP D 151 2.33 14.25 -29.35
N GLU D 152 1.45 13.70 -30.22
CA GLU D 152 1.66 13.75 -31.69
C GLU D 152 2.00 15.19 -32.10
N LYS D 153 1.18 16.15 -31.67
CA LYS D 153 1.34 17.56 -32.09
C LYS D 153 2.72 18.06 -31.66
N LYS D 154 3.03 17.86 -30.38
CA LYS D 154 4.30 18.33 -29.74
C LYS D 154 5.50 17.66 -30.39
N ILE D 155 5.46 16.33 -30.61
CA ILE D 155 6.60 15.65 -31.26
C ILE D 155 6.78 16.23 -32.67
N SER D 156 5.66 16.40 -33.40
CA SER D 156 5.70 16.97 -34.78
C SER D 156 6.38 18.36 -34.81
N GLU D 157 6.00 19.24 -33.87
CA GLU D 157 6.59 20.60 -33.70
C GLU D 157 8.12 20.50 -33.60
N ALA D 158 8.63 19.61 -32.75
CA ALA D 158 10.08 19.45 -32.45
C ALA D 158 10.86 19.10 -33.71
N ILE D 159 10.38 18.12 -34.50
CA ILE D 159 11.03 17.70 -35.77
C ILE D 159 11.16 18.94 -36.66
N GLN D 160 10.08 19.70 -36.77
CA GLN D 160 10.01 20.98 -37.56
C GLN D 160 11.05 21.96 -37.01
N MET D 161 10.96 22.25 -35.70
CA MET D 161 11.73 23.35 -35.02
C MET D 161 13.22 22.98 -34.92
N ARG D 162 13.66 21.95 -35.64
CA ARG D 162 15.10 21.59 -35.75
C ARG D 162 15.49 21.55 -37.24
N THR D 163 14.55 21.88 -38.12
CA THR D 163 14.82 22.17 -39.56
C THR D 163 15.14 23.67 -39.68
S DMS E . -5.40 7.50 0.73
O DMS E . -5.21 6.43 -0.39
C1 DMS E . -6.99 7.30 1.38
C2 DMS E . -5.65 9.07 -0.10
S DMS F . -23.37 7.55 -6.03
O DMS F . -22.34 7.98 -7.14
C1 DMS F . -24.20 6.10 -6.65
C2 DMS F . -24.73 8.60 -6.22
S DMS G . -30.65 8.28 4.92
O DMS G . -30.17 6.95 4.43
C1 DMS G . -31.29 8.07 6.56
C2 DMS G . -32.17 8.65 4.08
C TRS H . -29.29 -5.64 -16.62
C1 TRS H . -29.18 -6.48 -15.35
C2 TRS H . -27.92 -5.36 -17.25
C3 TRS H . -30.19 -6.32 -17.65
N TRS H . -29.89 -4.31 -16.22
O1 TRS H . -30.46 -6.69 -14.73
O2 TRS H . -27.29 -6.53 -17.73
O3 TRS H . -30.68 -5.42 -18.64
S DMS I . -10.52 -9.34 -10.86
O DMS I . -11.13 -10.01 -9.63
C1 DMS I . -10.73 -7.62 -10.69
C2 DMS I . -11.75 -9.54 -12.15
S DMS J . -24.84 -5.42 14.79
O DMS J . -23.47 -5.93 14.60
C1 DMS J . -24.84 -4.54 16.35
C2 DMS J . -25.89 -6.80 15.18
CL CL K . -27.42 5.41 -3.18
CL CL L . -27.28 5.42 6.61
CL CL M . -15.82 7.24 10.40
C1 BZX N . -21.68 7.43 3.88
C2 BZX N . -20.81 8.26 3.19
C3 BZX N . -19.50 7.85 2.93
C4 BZX N . -19.06 6.60 3.35
C5 BZX N . -19.94 5.81 4.06
C6 BZX N . -21.22 6.21 4.32
O7 BZX N . -21.86 5.29 5.12
C8 BZX N . -20.95 4.20 5.24
O9 BZX N . -19.72 4.55 4.60
O10 BZX N . -21.25 9.50 2.81
C1 BZX O . -18.98 9.01 9.88
C2 BZX O . -19.91 8.08 10.30
C3 BZX O . -20.46 7.16 9.40
C4 BZX O . -20.09 7.18 8.07
C5 BZX O . -19.16 8.12 7.67
C6 BZX O . -18.61 9.01 8.55
O7 BZX O . -17.64 9.76 7.93
C8 BZX O . -17.69 9.39 6.55
O9 BZX O . -18.62 8.31 6.41
O10 BZX O . -20.31 8.08 11.60
S DMS P . -0.75 -0.60 -4.68
O DMS P . -1.26 -1.26 -3.38
C1 DMS P . -0.43 1.09 -4.30
C2 DMS P . -2.16 -0.29 -5.71
S DMS Q . 5.99 19.40 21.71
O DMS Q . 5.01 18.52 22.45
C1 DMS Q . 7.51 18.49 21.57
C2 DMS Q . 6.56 20.65 22.82
CL CL R . 6.36 14.92 21.43
CL CL S . -3.23 17.24 24.31
C1 BZX T . 1.73 12.88 17.83
C2 BZX T . 0.80 13.05 16.80
C3 BZX T . 0.15 11.94 16.25
C4 BZX T . 0.41 10.67 16.71
C5 BZX T . 1.35 10.52 17.72
C6 BZX T . 2.00 11.61 18.25
O7 BZX T . 2.94 11.19 19.16
C8 BZX T . 2.78 9.77 19.27
O9 BZX T . 1.79 9.36 18.32
O10 BZX T . 0.53 14.32 16.38
S DMS U . -0.67 15.35 21.91
O DMS U . -1.21 14.77 20.64
C1 DMS U . 1.10 15.11 21.87
C2 DMS U . -1.04 14.21 23.22
S DMS V . -6.25 16.75 21.75
O DMS V . -7.34 16.08 20.97
C1 DMS V . -4.78 15.77 21.51
C2 DMS V . -6.53 16.33 23.45
CL CL W . 8.97 -19.45 4.55
CL CL X . 6.07 4.10 11.69
CL CL Y . 7.44 -10.76 8.99
S DMS Z . 29.08 -12.93 13.11
O DMS Z . 28.63 -11.56 12.65
C1 DMS Z . 28.25 -14.12 12.10
C2 DMS Z . 28.20 -13.26 14.64
C1 BZX AA . 13.67 -17.53 8.38
C2 BZX AA . 14.32 -17.05 9.51
C3 BZX AA . 15.61 -16.52 9.41
C4 BZX AA . 16.25 -16.46 8.19
C5 BZX AA . 15.59 -16.96 7.08
C6 BZX AA . 14.32 -17.48 7.19
O7 BZX AA . 13.89 -17.89 5.94
C8 BZX AA . 14.96 -17.63 5.05
O9 BZX AA . 16.03 -17.03 5.78
O10 BZX AA . 13.68 -17.12 10.72
S DMS BA . 5.46 -19.22 6.83
O DMS BA . 5.10 -20.64 6.47
C1 DMS BA . 7.04 -19.29 7.62
C2 DMS BA . 4.50 -18.80 8.26
C TRS CA . 24.87 0.05 -17.41
C1 TRS CA . 25.84 -0.26 -16.27
C2 TRS CA . 25.18 1.42 -18.00
C3 TRS CA . 24.94 -1.03 -18.50
N TRS CA . 23.47 0.07 -16.84
O1 TRS CA . 25.54 0.51 -15.12
O2 TRS CA . 24.40 1.73 -19.14
O3 TRS CA . 25.02 -2.36 -17.98
S DMS DA . -0.39 -11.68 -34.40
O DMS DA . -0.36 -10.16 -34.36
C1 DMS DA . -1.15 -12.15 -32.85
C2 DMS DA . 1.27 -12.29 -34.13
S DMS EA . 7.22 -1.37 -19.40
O DMS EA . 7.16 -2.86 -19.80
C1 DMS EA . 5.89 -0.51 -20.18
C2 DMS EA . 8.60 -0.56 -20.22
S DMS FA . 21.16 -10.41 -33.96
O DMS FA . 20.86 -9.18 -34.77
C1 DMS FA . 19.60 -11.04 -33.42
C2 DMS FA . 21.77 -9.84 -32.39
CL CL GA . 1.95 9.16 -26.24
CL CL HA . 7.75 3.59 -20.45
C1 BZX IA . 0.96 2.91 -26.52
C2 BZX IA . 0.46 1.72 -26.00
C3 BZX IA . 0.49 0.54 -26.75
C4 BZX IA . 1.00 0.55 -28.04
C5 BZX IA . 1.48 1.75 -28.55
C6 BZX IA . 1.45 2.89 -27.80
O7 BZX IA . 2.01 3.94 -28.51
C8 BZX IA . 2.34 3.39 -29.79
O9 BZX IA . 2.00 2.00 -29.80
O10 BZX IA . -0.09 1.75 -24.75
#